data_3DLB
#
_entry.id   3DLB
#
_cell.length_a   77.846
_cell.length_b   123.399
_cell.length_c   84.910
_cell.angle_alpha   90.00
_cell.angle_beta   95.70
_cell.angle_gamma   90.00
#
_symmetry.space_group_name_H-M   'P 1 21 1'
#
loop_
_entity.id
_entity.type
_entity.pdbx_description
1 polymer argonaute
2 polymer "DNA (5'-D(*DTP*DGP*DAP*DGP*DGP*DTP*DAP*DGP*DTP*DA)-3')"
3 water water
#
loop_
_entity_poly.entity_id
_entity_poly.type
_entity_poly.pdbx_seq_one_letter_code
_entity_poly.pdbx_strand_id
1 'polypeptide(L)'
;MNHLGKTEVFLNRFALRPLNPEELRPWRLEVVLDPPPGREEVYPLLAQVARRAGGVTVRMGDGLASWSPPEVLVLEGTLA
RMGQTYAYRLYPKGRRPLDPKDPGERSVLSALARRLLQERLRRLEGVWVEGLAVYRREHARGPGWRVLGGAVLDLWVSDS
GAFLLEVDPAYRILCEMSLEAWLAQGHPLPKRVRNAYDRRTWELLRLGEEDPKELPLPGGLSLLDYHASKGRLQGREGGR
VAWVADPKDPRKPIPHLTGLLVPVLTLEDLHEEEGSLALSLPWEERRRRTREIASWIGRRLGLGTPEAVRAQAYRLSIPK
LMGRRAVSKPADALRVGFYRAQETALALLRLDGAQGWPEFLRRALLRAFGASGASLRLHTLHAHPSQGLAFREALRKAKE
EGVQAVLVLTPPMAWEDRNRLKALLLREGLPSQILNVPLREEERHRWENALLGLLAKAGLQVVALSGAYPAELAVGFDAG
GRESFRFGGAACAVGGDGGHLLWTLPEAQAGERIPQEVVWDLLEETLWAFRRKAGRLPSRVLLLRDGRVPQDEFALALEA
LAREGIAYDLVSVRKSGGGRVYPVQGRLADGLYVPLEDKTFLLLTVHRDFRGTPRPLKLVHEAGDTPLEALAHQIFHLTR
LYPASGFAFPRLPAPLHLADRLVKEVGRLGIRHLKEVDREKLFFV
;
A,B
2 'polydeoxyribonucleotide' (DT)(DG)(DA)(DG)(DG)(DT)(DA)(DG)(DT)(DA) X,Y
#
loop_
_chem_comp.id
_chem_comp.type
_chem_comp.name
_chem_comp.formula
DA DNA linking 2'-DEOXYADENOSINE-5'-MONOPHOSPHATE 'C10 H14 N5 O6 P'
DG DNA linking 2'-DEOXYGUANOSINE-5'-MONOPHOSPHATE 'C10 H14 N5 O7 P'
DT DNA linking THYMIDINE-5'-MONOPHOSPHATE 'C10 H15 N2 O8 P'
#
# COMPACT_ATOMS: atom_id res chain seq x y z
N HIS A 3 -26.52 -20.84 -37.23
CA HIS A 3 -25.09 -21.03 -36.83
C HIS A 3 -24.98 -22.08 -35.72
N LEU A 4 -24.61 -23.29 -36.12
CA LEU A 4 -24.46 -24.42 -35.19
C LEU A 4 -23.44 -25.38 -35.80
N GLY A 5 -23.15 -25.17 -37.09
CA GLY A 5 -22.21 -26.00 -37.82
C GLY A 5 -20.79 -26.00 -37.27
N LYS A 6 -20.16 -27.18 -37.29
CA LYS A 6 -18.80 -27.32 -36.81
C LYS A 6 -17.80 -27.09 -37.96
N THR A 7 -16.64 -26.53 -37.62
CA THR A 7 -15.62 -26.25 -38.61
C THR A 7 -14.25 -26.69 -38.11
N GLU A 8 -13.63 -27.62 -38.83
CA GLU A 8 -12.32 -28.11 -38.49
C GLU A 8 -11.39 -26.90 -38.52
N VAL A 9 -10.39 -26.88 -37.64
CA VAL A 9 -9.48 -25.76 -37.63
C VAL A 9 -8.11 -26.19 -37.12
N PHE A 10 -7.07 -25.58 -37.66
CA PHE A 10 -5.71 -25.91 -37.22
C PHE A 10 -5.18 -24.85 -36.27
N LEU A 11 -4.72 -25.30 -35.11
CA LEU A 11 -4.13 -24.42 -34.12
C LEU A 11 -2.64 -24.42 -34.43
N ASN A 12 -1.88 -23.50 -33.85
CA ASN A 12 -0.46 -23.49 -34.09
C ASN A 12 0.20 -24.24 -32.94
N ARG A 13 -0.42 -25.37 -32.61
CA ARG A 13 0.07 -26.28 -31.58
C ARG A 13 0.44 -27.59 -32.25
N PHE A 14 1.24 -28.39 -31.56
CA PHE A 14 1.66 -29.66 -32.10
C PHE A 14 1.82 -30.66 -30.96
N ALA A 15 1.37 -31.88 -31.16
CA ALA A 15 1.45 -32.91 -30.11
C ALA A 15 2.74 -33.72 -30.17
N LEU A 16 3.31 -33.98 -29.00
CA LEU A 16 4.53 -34.75 -28.92
C LEU A 16 4.33 -36.02 -28.09
N ARG A 17 5.35 -36.86 -28.03
CA ARG A 17 5.21 -38.12 -27.30
C ARG A 17 4.62 -37.89 -25.92
N PRO A 18 3.99 -38.92 -25.36
CA PRO A 18 3.42 -38.74 -24.02
C PRO A 18 4.60 -38.73 -23.05
N LEU A 19 4.40 -38.23 -21.84
CA LEU A 19 5.49 -38.22 -20.89
C LEU A 19 5.68 -39.65 -20.34
N ASN A 20 6.92 -40.11 -20.32
CA ASN A 20 7.22 -41.43 -19.81
C ASN A 20 7.11 -41.39 -18.29
N PRO A 21 7.01 -42.56 -17.64
CA PRO A 21 6.89 -42.62 -16.17
C PRO A 21 7.86 -41.73 -15.39
N GLU A 22 9.15 -41.76 -15.75
CA GLU A 22 10.16 -40.94 -15.07
C GLU A 22 9.81 -39.45 -14.97
N GLU A 23 9.27 -38.89 -16.04
CA GLU A 23 8.92 -37.49 -16.08
C GLU A 23 7.60 -37.20 -15.39
N LEU A 24 6.90 -38.26 -15.00
CA LEU A 24 5.63 -38.10 -14.33
C LEU A 24 5.93 -38.14 -12.83
N ARG A 25 7.14 -38.58 -12.54
CA ARG A 25 7.62 -38.69 -11.17
C ARG A 25 8.90 -37.85 -10.99
N PRO A 26 8.77 -36.53 -11.04
CA PRO A 26 9.97 -35.70 -10.87
C PRO A 26 10.55 -35.81 -9.47
N TRP A 27 11.83 -35.46 -9.36
CA TRP A 27 12.52 -35.47 -8.08
C TRP A 27 12.08 -34.28 -7.31
N ARG A 28 11.89 -34.47 -6.04
CA ARG A 28 11.47 -33.36 -5.28
C ARG A 28 12.61 -32.95 -4.36
N LEU A 29 12.74 -31.66 -4.09
CA LEU A 29 13.80 -31.20 -3.20
C LEU A 29 13.37 -30.07 -2.28
N GLU A 30 13.69 -30.20 -1.00
CA GLU A 30 13.34 -29.17 -0.03
C GLU A 30 14.47 -28.16 -0.02
N VAL A 31 14.12 -26.89 0.13
CA VAL A 31 15.11 -25.82 0.12
C VAL A 31 15.09 -25.11 1.43
N VAL A 32 16.16 -24.40 1.73
CA VAL A 32 16.19 -23.60 2.92
C VAL A 32 17.07 -22.40 2.64
N LEU A 33 16.60 -21.26 3.13
CA LEU A 33 17.25 -19.97 2.93
C LEU A 33 17.71 -19.31 4.21
N ASP A 34 18.89 -18.69 4.15
CA ASP A 34 19.43 -18.00 5.30
C ASP A 34 20.05 -16.71 4.86
N PRO A 35 19.62 -15.57 5.43
CA PRO A 35 18.64 -15.44 6.51
C PRO A 35 17.22 -15.56 5.98
N PRO A 36 16.24 -15.85 6.86
CA PRO A 36 14.85 -15.96 6.43
C PRO A 36 14.43 -14.64 5.77
N PRO A 37 13.88 -14.71 4.57
CA PRO A 37 13.49 -13.43 3.97
C PRO A 37 12.04 -13.14 4.32
N GLY A 38 11.50 -12.03 3.81
CA GLY A 38 10.11 -11.70 4.05
C GLY A 38 9.30 -12.80 3.37
N ARG A 39 8.20 -13.23 3.96
CA ARG A 39 7.41 -14.30 3.36
C ARG A 39 7.03 -14.02 1.89
N GLU A 40 6.96 -12.74 1.53
CA GLU A 40 6.60 -12.37 0.16
C GLU A 40 7.77 -12.44 -0.81
N GLU A 41 8.93 -12.87 -0.32
CA GLU A 41 10.13 -13.01 -1.14
C GLU A 41 10.53 -14.47 -1.36
N VAL A 42 9.86 -15.39 -0.66
CA VAL A 42 10.18 -16.81 -0.77
C VAL A 42 10.03 -17.40 -2.17
N TYR A 43 8.91 -17.10 -2.83
CA TYR A 43 8.68 -17.63 -4.18
C TYR A 43 9.63 -17.02 -5.21
N PRO A 44 9.77 -15.69 -5.22
CA PRO A 44 10.67 -15.06 -6.18
C PRO A 44 12.10 -15.58 -6.02
N LEU A 45 12.49 -15.88 -4.78
CA LEU A 45 13.82 -16.41 -4.48
C LEU A 45 14.00 -17.88 -4.93
N LEU A 46 12.96 -18.70 -4.76
CA LEU A 46 13.04 -20.10 -5.16
C LEU A 46 13.17 -20.25 -6.65
N ALA A 47 12.58 -19.30 -7.38
CA ALA A 47 12.69 -19.29 -8.83
C ALA A 47 14.19 -19.10 -9.10
N GLN A 48 14.82 -18.28 -8.28
CA GLN A 48 16.23 -18.02 -8.47
C GLN A 48 17.06 -19.21 -8.08
N VAL A 49 16.63 -19.95 -7.07
CA VAL A 49 17.38 -21.14 -6.62
C VAL A 49 17.28 -22.24 -7.66
N ALA A 50 16.09 -22.38 -8.24
CA ALA A 50 15.86 -23.38 -9.26
C ALA A 50 16.93 -23.21 -10.33
N ARG A 51 17.18 -21.96 -10.70
CA ARG A 51 18.19 -21.63 -11.71
C ARG A 51 19.62 -21.83 -11.23
N ARG A 52 19.93 -21.32 -10.05
CA ARG A 52 21.28 -21.45 -9.51
C ARG A 52 21.65 -22.92 -9.43
N ALA A 53 20.66 -23.75 -9.11
CA ALA A 53 20.88 -25.18 -8.98
C ALA A 53 21.10 -25.87 -10.33
N GLY A 54 20.73 -25.21 -11.41
CA GLY A 54 20.92 -25.79 -12.75
C GLY A 54 20.11 -27.03 -13.07
N GLY A 55 20.32 -27.56 -14.27
CA GLY A 55 19.59 -28.75 -14.71
C GLY A 55 18.17 -28.36 -15.11
N VAL A 56 17.31 -29.35 -15.27
CA VAL A 56 15.92 -29.08 -15.61
C VAL A 56 15.16 -29.19 -14.30
N THR A 57 15.21 -28.09 -13.55
CA THR A 57 14.60 -28.01 -12.24
C THR A 57 13.75 -26.74 -12.07
N VAL A 58 12.58 -26.91 -11.49
CA VAL A 58 11.65 -25.81 -11.32
C VAL A 58 11.14 -25.70 -9.87
N ARG A 59 10.45 -24.61 -9.57
CA ARG A 59 9.89 -24.39 -8.24
C ARG A 59 8.60 -25.16 -8.13
N MET A 60 8.45 -25.91 -7.04
CA MET A 60 7.24 -26.69 -6.75
C MET A 60 6.84 -26.43 -5.30
N GLY A 61 5.83 -25.59 -5.14
CA GLY A 61 5.38 -25.25 -3.80
C GLY A 61 6.42 -24.41 -3.08
N ASP A 62 7.00 -24.94 -2.01
CA ASP A 62 8.03 -24.23 -1.27
C ASP A 62 9.37 -24.89 -1.51
N GLY A 63 9.39 -25.78 -2.51
CA GLY A 63 10.62 -26.46 -2.85
C GLY A 63 10.83 -26.53 -4.35
N LEU A 64 11.71 -27.45 -4.75
CA LEU A 64 12.01 -27.66 -6.15
C LEU A 64 11.49 -28.99 -6.65
N ALA A 65 11.52 -29.14 -7.97
CA ALA A 65 11.11 -30.35 -8.67
C ALA A 65 12.10 -30.40 -9.82
N SER A 66 12.67 -31.57 -10.09
CA SER A 66 13.66 -31.67 -11.16
C SER A 66 13.55 -32.93 -12.01
N TRP A 67 13.94 -32.81 -13.27
CA TRP A 67 13.92 -33.92 -14.21
C TRP A 67 15.34 -34.39 -14.50
N SER A 68 16.32 -33.60 -14.10
CA SER A 68 17.68 -34.00 -14.35
C SER A 68 18.18 -34.77 -13.12
N PRO A 69 19.14 -35.68 -13.31
CA PRO A 69 19.69 -36.47 -12.21
C PRO A 69 20.11 -35.60 -11.02
N PRO A 70 19.60 -35.92 -9.82
CA PRO A 70 19.91 -35.17 -8.60
C PRO A 70 21.40 -34.93 -8.36
N GLU A 71 22.25 -35.75 -8.97
CA GLU A 71 23.70 -35.62 -8.82
C GLU A 71 24.23 -34.42 -9.61
N VAL A 72 23.50 -34.06 -10.68
CA VAL A 72 23.88 -32.94 -11.53
C VAL A 72 23.62 -31.55 -10.93
N LEU A 73 22.74 -31.48 -9.94
CA LEU A 73 22.41 -30.20 -9.33
C LEU A 73 23.51 -29.53 -8.51
N VAL A 74 23.36 -28.22 -8.33
CA VAL A 74 24.27 -27.42 -7.50
C VAL A 74 23.46 -27.20 -6.23
N LEU A 75 23.57 -28.15 -5.31
CA LEU A 75 22.85 -28.16 -4.04
C LEU A 75 23.08 -26.97 -3.10
N GLU A 76 24.21 -26.30 -3.27
CA GLU A 76 24.53 -25.13 -2.44
C GLU A 76 25.03 -23.91 -3.22
N GLY A 77 24.54 -22.74 -2.84
CA GLY A 77 24.95 -21.52 -3.51
C GLY A 77 24.37 -20.28 -2.85
N THR A 78 24.61 -19.12 -3.46
CA THR A 78 24.11 -17.84 -2.92
C THR A 78 23.10 -17.18 -3.85
N LEU A 79 22.43 -16.13 -3.38
CA LEU A 79 21.45 -15.42 -4.19
C LEU A 79 21.44 -13.92 -3.93
N ALA A 80 20.79 -13.18 -4.82
CA ALA A 80 20.67 -11.75 -4.66
C ALA A 80 19.34 -11.31 -5.26
N ARG A 81 18.51 -10.64 -4.45
CA ARG A 81 17.25 -10.15 -4.95
C ARG A 81 17.07 -8.71 -4.51
N MET A 82 17.25 -7.83 -5.48
CA MET A 82 17.21 -6.40 -5.27
C MET A 82 18.14 -6.03 -4.15
N GLY A 83 19.44 -6.00 -4.49
CA GLY A 83 20.46 -5.64 -3.54
C GLY A 83 20.75 -6.68 -2.48
N GLN A 84 19.67 -7.18 -1.85
CA GLN A 84 19.76 -8.18 -0.79
C GLN A 84 20.26 -9.54 -1.27
N THR A 85 21.04 -10.21 -0.43
CA THR A 85 21.60 -11.53 -0.75
C THR A 85 21.35 -12.58 0.33
N TYR A 86 21.25 -13.85 -0.07
CA TYR A 86 21.03 -14.96 0.86
C TYR A 86 21.77 -16.21 0.41
N ALA A 87 21.76 -17.23 1.26
CA ALA A 87 22.41 -18.48 0.94
C ALA A 87 21.37 -19.60 1.01
N TYR A 88 21.44 -20.53 0.07
CA TYR A 88 20.50 -21.64 0.04
C TYR A 88 21.18 -22.99 0.12
N ARG A 89 20.43 -23.97 0.61
CA ARG A 89 20.91 -25.34 0.71
C ARG A 89 19.75 -26.25 0.31
N LEU A 90 20.01 -27.21 -0.58
CA LEU A 90 18.94 -28.11 -1.03
C LEU A 90 18.96 -29.45 -0.28
N TYR A 91 17.79 -30.04 -0.09
CA TYR A 91 17.70 -31.34 0.59
C TYR A 91 16.92 -32.34 -0.24
N PRO A 92 17.63 -33.16 -1.02
CA PRO A 92 16.99 -34.18 -1.87
C PRO A 92 16.01 -35.03 -1.08
N LYS A 93 14.75 -35.04 -1.49
CA LYS A 93 13.73 -35.82 -0.81
C LYS A 93 13.01 -36.83 -1.71
N GLY A 94 13.77 -37.40 -2.64
CA GLY A 94 13.20 -38.39 -3.53
C GLY A 94 12.23 -37.95 -4.61
N ARG A 95 11.67 -38.95 -5.28
CA ARG A 95 10.74 -38.76 -6.38
C ARG A 95 9.30 -38.72 -5.96
N ARG A 96 8.54 -37.81 -6.57
CA ARG A 96 7.15 -37.62 -6.18
C ARG A 96 6.26 -37.38 -7.38
N PRO A 97 5.23 -38.22 -7.54
CA PRO A 97 4.26 -38.17 -8.65
C PRO A 97 3.27 -36.98 -8.73
N LEU A 98 3.01 -36.55 -9.96
CA LEU A 98 2.08 -35.44 -10.28
C LEU A 98 1.05 -35.91 -11.32
N ASP A 99 -0.18 -35.40 -11.22
CA ASP A 99 -1.24 -35.78 -12.17
C ASP A 99 -1.70 -34.66 -13.10
N PRO A 100 -1.59 -34.90 -14.41
CA PRO A 100 -1.99 -33.95 -15.45
C PRO A 100 -3.44 -33.49 -15.33
N LYS A 101 -4.23 -34.27 -14.60
CA LYS A 101 -5.64 -33.99 -14.41
C LYS A 101 -5.88 -32.86 -13.40
N ASP A 102 -4.91 -32.66 -12.51
CA ASP A 102 -4.99 -31.62 -11.48
C ASP A 102 -4.36 -30.30 -11.96
N PRO A 103 -5.20 -29.25 -12.08
CA PRO A 103 -4.79 -27.91 -12.53
C PRO A 103 -3.47 -27.40 -11.95
N GLY A 104 -3.22 -27.68 -10.68
CA GLY A 104 -2.00 -27.22 -10.05
C GLY A 104 -0.76 -28.03 -10.37
N GLU A 105 -0.87 -29.35 -10.23
CA GLU A 105 0.25 -30.24 -10.49
C GLU A 105 0.64 -30.22 -11.97
N ARG A 106 -0.34 -30.04 -12.83
CA ARG A 106 -0.10 -29.99 -14.26
C ARG A 106 0.69 -28.73 -14.58
N SER A 107 0.40 -27.63 -13.88
CA SER A 107 1.08 -26.36 -14.13
C SER A 107 2.57 -26.50 -13.83
N VAL A 108 2.90 -27.39 -12.90
CA VAL A 108 4.28 -27.63 -12.50
C VAL A 108 4.98 -28.49 -13.54
N LEU A 109 4.33 -29.57 -13.96
CA LEU A 109 4.93 -30.44 -14.97
C LEU A 109 5.26 -29.64 -16.22
N SER A 110 4.40 -28.67 -16.55
CA SER A 110 4.57 -27.81 -17.71
C SER A 110 5.71 -26.83 -17.54
N ALA A 111 6.00 -26.49 -16.28
CA ALA A 111 7.08 -25.57 -16.00
C ALA A 111 8.35 -26.34 -16.28
N LEU A 112 8.35 -27.61 -15.95
CA LEU A 112 9.51 -28.44 -16.20
C LEU A 112 9.71 -28.51 -17.70
N ALA A 113 8.63 -28.70 -18.44
CA ALA A 113 8.68 -28.78 -19.89
C ALA A 113 9.22 -27.48 -20.50
N ARG A 114 8.72 -26.34 -20.03
CA ARG A 114 9.16 -25.06 -20.52
C ARG A 114 10.67 -24.98 -20.30
N ARG A 115 11.10 -25.39 -19.12
CA ARG A 115 12.52 -25.36 -18.79
C ARG A 115 13.33 -26.31 -19.64
N LEU A 116 12.69 -27.40 -20.07
CA LEU A 116 13.35 -28.41 -20.91
C LEU A 116 13.63 -27.77 -22.25
N LEU A 117 12.63 -27.06 -22.75
CA LEU A 117 12.75 -26.40 -24.04
C LEU A 117 13.90 -25.41 -23.99
N GLN A 118 13.99 -24.66 -22.89
CA GLN A 118 15.07 -23.70 -22.70
C GLN A 118 16.43 -24.37 -22.74
N GLU A 119 16.62 -25.41 -21.93
CA GLU A 119 17.90 -26.09 -21.90
C GLU A 119 18.33 -26.61 -23.26
N ARG A 120 17.40 -27.18 -24.00
CA ARG A 120 17.74 -27.70 -25.32
C ARG A 120 18.07 -26.54 -26.26
N LEU A 121 17.32 -25.46 -26.17
CA LEU A 121 17.54 -24.29 -27.01
C LEU A 121 18.89 -23.67 -26.71
N ARG A 122 19.26 -23.67 -25.44
CA ARG A 122 20.52 -23.08 -25.02
C ARG A 122 21.74 -23.83 -25.56
N ARG A 123 21.59 -25.11 -25.89
CA ARG A 123 22.71 -25.88 -26.39
C ARG A 123 22.73 -26.02 -27.90
N LEU A 124 21.94 -25.19 -28.57
CA LEU A 124 21.87 -25.23 -30.02
C LEU A 124 23.01 -24.49 -30.69
N GLU A 125 23.52 -25.13 -31.75
CA GLU A 125 24.64 -24.63 -32.54
C GLU A 125 24.28 -23.53 -33.53
N GLY A 126 25.06 -22.45 -33.51
CA GLY A 126 24.83 -21.35 -34.42
C GLY A 126 23.38 -20.97 -34.59
N VAL A 127 22.86 -20.28 -33.58
CA VAL A 127 21.48 -19.83 -33.58
C VAL A 127 21.31 -18.93 -32.40
N TRP A 128 20.32 -18.11 -32.50
CA TRP A 128 20.21 -17.19 -31.49
C TRP A 128 19.00 -17.25 -30.54
N VAL A 129 19.28 -17.36 -29.25
CA VAL A 129 18.22 -17.53 -28.28
C VAL A 129 17.96 -16.39 -27.31
N GLU A 130 16.70 -15.98 -27.21
CA GLU A 130 16.33 -14.90 -26.31
C GLU A 130 15.21 -15.39 -25.40
N GLY A 131 15.53 -16.38 -24.57
CA GLY A 131 14.55 -16.94 -23.65
C GLY A 131 13.91 -18.18 -24.24
N LEU A 132 12.64 -18.05 -24.66
CA LEU A 132 11.91 -19.15 -25.28
C LEU A 132 11.81 -18.92 -26.79
N ALA A 133 12.54 -17.91 -27.26
CA ALA A 133 12.55 -17.59 -28.67
C ALA A 133 13.81 -18.12 -29.36
N VAL A 134 13.69 -18.39 -30.65
CA VAL A 134 14.81 -18.87 -31.43
C VAL A 134 14.79 -18.01 -32.67
N TYR A 135 15.96 -17.53 -33.06
CA TYR A 135 16.10 -16.72 -34.25
C TYR A 135 17.16 -17.44 -35.06
N ARG A 136 16.72 -18.06 -36.16
CA ARG A 136 17.62 -18.84 -37.01
C ARG A 136 18.39 -18.09 -38.10
N ARG A 137 17.69 -17.25 -38.88
CA ARG A 137 18.34 -16.55 -39.97
C ARG A 137 18.11 -15.07 -40.21
N GLU A 138 19.13 -14.42 -40.75
CA GLU A 138 19.13 -12.99 -41.06
C GLU A 138 18.14 -12.56 -42.12
N HIS A 139 17.73 -11.30 -42.06
CA HIS A 139 16.78 -10.73 -43.01
C HIS A 139 17.18 -9.35 -43.48
N ALA A 140 18.23 -8.81 -42.86
CA ALA A 140 18.72 -7.47 -43.21
C ALA A 140 19.78 -7.18 -42.17
N ARG A 141 20.68 -6.25 -42.45
CA ARG A 141 21.70 -5.94 -41.48
C ARG A 141 22.20 -4.49 -41.45
N GLY A 142 23.22 -4.15 -42.20
CA GLY A 142 23.69 -2.78 -42.11
C GLY A 142 24.62 -2.62 -40.91
N PRO A 143 25.23 -1.44 -40.74
CA PRO A 143 26.15 -1.16 -39.63
C PRO A 143 25.64 -1.33 -38.20
N GLY A 144 26.21 -2.32 -37.49
CA GLY A 144 25.84 -2.54 -36.10
C GLY A 144 24.48 -3.12 -35.76
N TRP A 145 23.54 -3.14 -36.69
CA TRP A 145 22.25 -3.73 -36.38
C TRP A 145 22.05 -4.93 -37.28
N ARG A 146 21.08 -5.76 -36.97
CA ARG A 146 20.82 -6.94 -37.78
C ARG A 146 19.51 -7.60 -37.36
N VAL A 147 18.62 -7.79 -38.32
CA VAL A 147 17.34 -8.40 -38.07
C VAL A 147 17.39 -9.91 -38.24
N LEU A 148 16.77 -10.64 -37.31
CA LEU A 148 16.74 -12.09 -37.41
C LEU A 148 15.30 -12.56 -37.32
N GLY A 149 15.02 -13.66 -38.00
CA GLY A 149 13.68 -14.20 -37.98
C GLY A 149 13.68 -15.60 -37.42
N GLY A 150 12.75 -15.85 -36.50
CA GLY A 150 12.62 -17.16 -35.90
C GLY A 150 11.20 -17.29 -35.37
N ALA A 151 11.05 -17.77 -34.13
CA ALA A 151 9.74 -17.92 -33.51
C ALA A 151 9.81 -18.03 -32.00
N VAL A 152 8.85 -17.41 -31.31
CA VAL A 152 8.81 -17.54 -29.85
C VAL A 152 8.09 -18.87 -29.70
N LEU A 153 8.60 -19.72 -28.81
CA LEU A 153 8.03 -21.04 -28.65
C LEU A 153 7.55 -21.32 -27.25
N ASP A 154 6.85 -22.45 -27.11
CA ASP A 154 6.39 -22.87 -25.81
C ASP A 154 6.22 -24.37 -25.82
N LEU A 155 6.45 -24.99 -24.67
CA LEU A 155 6.35 -26.44 -24.52
C LEU A 155 5.79 -26.75 -23.15
N TRP A 156 4.62 -27.37 -23.13
CA TRP A 156 3.94 -27.73 -21.88
C TRP A 156 3.27 -29.10 -21.98
N VAL A 157 2.67 -29.52 -20.87
CA VAL A 157 1.96 -30.79 -20.80
C VAL A 157 0.43 -30.57 -20.81
N SER A 158 -0.32 -31.57 -21.26
CA SER A 158 -1.78 -31.47 -21.28
C SER A 158 -2.42 -32.29 -20.14
N ASP A 159 -3.75 -32.19 -20.01
CA ASP A 159 -4.47 -32.94 -18.96
C ASP A 159 -4.48 -34.42 -19.35
N SER A 160 -4.04 -34.69 -20.57
CA SER A 160 -3.94 -36.04 -21.11
C SER A 160 -2.56 -36.58 -20.78
N GLY A 161 -1.62 -35.68 -20.49
CA GLY A 161 -0.27 -36.10 -20.12
C GLY A 161 0.81 -36.24 -21.19
N ALA A 162 0.72 -35.46 -22.25
CA ALA A 162 1.73 -35.51 -23.31
C ALA A 162 2.23 -34.09 -23.60
N PHE A 163 3.44 -33.98 -24.14
CA PHE A 163 4.00 -32.68 -24.46
C PHE A 163 3.23 -31.99 -25.57
N LEU A 164 3.07 -30.69 -25.45
CA LEU A 164 2.39 -29.90 -26.45
C LEU A 164 3.36 -28.75 -26.77
N LEU A 165 3.65 -28.53 -28.05
CA LEU A 165 4.59 -27.49 -28.46
C LEU A 165 3.90 -26.36 -29.21
N GLU A 166 4.13 -25.12 -28.78
CA GLU A 166 3.54 -23.94 -29.44
C GLU A 166 4.59 -23.24 -30.29
N VAL A 167 4.19 -22.72 -31.44
CA VAL A 167 5.12 -22.05 -32.33
C VAL A 167 4.50 -20.86 -33.05
N ASP A 168 5.14 -19.69 -32.97
CA ASP A 168 4.66 -18.51 -33.65
C ASP A 168 5.83 -17.64 -34.12
N PRO A 169 5.98 -17.51 -35.45
CA PRO A 169 7.04 -16.72 -36.07
C PRO A 169 7.11 -15.31 -35.53
N ALA A 170 8.33 -14.83 -35.35
CA ALA A 170 8.62 -13.50 -34.85
C ALA A 170 9.97 -13.06 -35.44
N TYR A 171 10.29 -11.78 -35.33
CA TYR A 171 11.56 -11.30 -35.83
C TYR A 171 12.18 -10.51 -34.72
N ARG A 172 13.50 -10.46 -34.68
CA ARG A 172 14.15 -9.69 -33.64
C ARG A 172 15.25 -8.82 -34.24
N ILE A 173 15.23 -7.53 -33.89
CA ILE A 173 16.25 -6.62 -34.37
C ILE A 173 17.30 -6.52 -33.29
N LEU A 174 18.50 -7.01 -33.56
CA LEU A 174 19.58 -6.93 -32.59
C LEU A 174 20.58 -5.80 -32.87
N CYS A 175 21.11 -5.20 -31.81
CA CYS A 175 22.11 -4.15 -31.98
C CYS A 175 23.46 -4.80 -31.71
N GLU A 176 24.40 -4.65 -32.63
CA GLU A 176 25.73 -5.27 -32.50
C GLU A 176 26.77 -4.46 -31.73
N MET A 177 26.35 -3.35 -31.12
CA MET A 177 27.29 -2.51 -30.39
C MET A 177 26.70 -1.86 -29.11
N SER A 178 27.56 -1.16 -28.36
CA SER A 178 27.16 -0.47 -27.14
C SER A 178 26.31 0.75 -27.42
N LEU A 179 25.58 1.22 -26.39
CA LEU A 179 24.75 2.40 -26.52
C LEU A 179 25.67 3.60 -26.73
N GLU A 180 26.91 3.48 -26.24
CA GLU A 180 27.89 4.56 -26.38
C GLU A 180 28.28 4.61 -27.84
N ALA A 181 28.65 3.46 -28.39
CA ALA A 181 29.04 3.37 -29.79
C ALA A 181 27.92 3.89 -30.69
N TRP A 182 26.75 3.27 -30.54
CA TRP A 182 25.60 3.63 -31.35
C TRP A 182 25.30 5.11 -31.35
N LEU A 183 25.34 5.73 -30.17
CA LEU A 183 25.06 7.15 -30.08
C LEU A 183 26.20 7.99 -30.65
N ALA A 184 27.44 7.49 -30.49
CA ALA A 184 28.61 8.20 -31.00
C ALA A 184 28.48 8.35 -32.52
N GLN A 185 28.06 7.26 -33.17
CA GLN A 185 27.90 7.25 -34.61
C GLN A 185 26.67 8.00 -35.10
N GLY A 186 26.07 8.81 -34.24
CA GLY A 186 24.93 9.61 -34.65
C GLY A 186 23.48 9.11 -34.58
N HIS A 187 23.25 7.83 -34.31
CA HIS A 187 21.88 7.31 -34.25
C HIS A 187 21.11 7.92 -33.10
N PRO A 188 19.81 8.19 -33.28
CA PRO A 188 18.99 8.78 -32.21
C PRO A 188 18.90 7.94 -30.93
N LEU A 189 18.33 8.57 -29.89
CA LEU A 189 18.15 7.98 -28.58
C LEU A 189 16.99 6.97 -28.60
N PRO A 190 17.28 5.68 -28.33
CA PRO A 190 16.22 4.66 -28.33
C PRO A 190 15.34 4.77 -27.11
N LYS A 191 14.19 4.12 -27.17
CA LYS A 191 13.26 4.20 -26.06
C LYS A 191 13.69 3.36 -24.87
N ARG A 192 14.20 2.17 -25.17
CA ARG A 192 14.52 1.20 -24.18
C ARG A 192 15.92 0.68 -24.32
N VAL A 193 16.58 0.39 -23.19
CA VAL A 193 17.94 -0.10 -23.23
C VAL A 193 18.06 -1.42 -22.47
N ARG A 194 19.02 -2.25 -22.84
CA ARG A 194 19.22 -3.51 -22.16
C ARG A 194 20.59 -3.47 -21.53
N ASN A 195 20.78 -4.20 -20.43
CA ASN A 195 22.09 -4.23 -19.80
C ASN A 195 22.91 -5.06 -20.77
N ALA A 196 24.21 -4.80 -20.82
CA ALA A 196 25.08 -5.58 -21.70
C ALA A 196 25.46 -6.89 -21.02
N TYR A 197 25.60 -6.85 -19.69
CA TYR A 197 25.98 -8.00 -18.89
C TYR A 197 24.85 -9.00 -18.54
N ASP A 198 23.62 -8.66 -18.88
CA ASP A 198 22.49 -9.56 -18.68
C ASP A 198 21.32 -9.06 -19.51
N ARG A 199 20.21 -9.76 -19.47
CA ARG A 199 19.08 -9.36 -20.29
C ARG A 199 18.09 -8.35 -19.70
N ARG A 200 18.40 -7.75 -18.56
CA ARG A 200 17.47 -6.77 -18.02
C ARG A 200 17.35 -5.55 -18.93
N THR A 201 16.13 -5.07 -19.14
CA THR A 201 15.92 -3.92 -19.99
C THR A 201 15.46 -2.74 -19.17
N TRP A 202 15.44 -1.56 -19.78
CA TRP A 202 15.02 -0.35 -19.09
C TRP A 202 14.45 0.67 -20.06
N GLU A 203 13.94 1.74 -19.48
CA GLU A 203 13.38 2.86 -20.21
C GLU A 203 14.49 3.89 -20.18
N LEU A 204 14.97 4.31 -21.33
CA LEU A 204 16.02 5.31 -21.37
C LEU A 204 15.33 6.66 -21.32
N LEU A 205 15.74 7.50 -20.39
CA LEU A 205 15.13 8.82 -20.21
C LEU A 205 15.96 9.92 -20.86
N ARG A 206 17.25 9.92 -20.56
CA ARG A 206 18.14 10.93 -21.08
C ARG A 206 19.56 10.61 -20.74
N LEU A 207 20.48 11.40 -21.26
CA LEU A 207 21.89 11.22 -20.97
C LEU A 207 22.19 12.21 -19.86
N GLY A 208 23.36 12.08 -19.26
CA GLY A 208 23.73 12.98 -18.19
C GLY A 208 25.15 13.47 -18.33
N GLU A 209 25.40 14.68 -17.83
CA GLU A 209 26.71 15.28 -17.90
C GLU A 209 27.66 14.88 -16.77
N GLU A 210 27.10 14.34 -15.69
CA GLU A 210 27.92 13.93 -14.54
C GLU A 210 29.00 12.92 -14.90
N ASP A 211 30.11 12.98 -14.17
CA ASP A 211 31.22 12.09 -14.41
C ASP A 211 30.98 10.78 -13.65
N PRO A 212 30.87 9.66 -14.37
CA PRO A 212 30.64 8.36 -13.74
C PRO A 212 31.60 8.14 -12.56
N LYS A 213 32.86 8.44 -12.80
CA LYS A 213 33.91 8.31 -11.81
C LYS A 213 33.55 8.93 -10.46
N GLU A 214 32.74 10.00 -10.48
CA GLU A 214 32.40 10.65 -9.24
C GLU A 214 30.92 10.73 -8.89
N LEU A 215 30.06 10.06 -9.65
CA LEU A 215 28.64 10.11 -9.32
C LEU A 215 28.42 9.10 -8.20
N PRO A 216 27.87 9.54 -7.06
CA PRO A 216 27.65 8.62 -5.95
C PRO A 216 26.32 7.88 -5.86
N LEU A 217 26.39 6.57 -5.66
CA LEU A 217 25.20 5.74 -5.50
C LEU A 217 24.76 5.96 -4.04
N PRO A 218 23.46 5.78 -3.75
CA PRO A 218 22.91 5.97 -2.39
C PRO A 218 23.84 5.94 -1.18
N GLY A 219 24.41 4.79 -0.86
CA GLY A 219 25.29 4.75 0.31
C GLY A 219 26.65 5.40 0.16
N GLY A 220 26.90 6.06 -0.98
CA GLY A 220 28.19 6.70 -1.18
C GLY A 220 29.13 6.07 -2.22
N LEU A 221 28.90 4.82 -2.60
CA LEU A 221 29.75 4.16 -3.59
C LEU A 221 29.63 4.82 -4.98
N SER A 222 30.75 4.96 -5.69
CA SER A 222 30.71 5.58 -7.01
C SER A 222 29.97 4.66 -7.98
N LEU A 223 29.33 5.26 -8.97
CA LEU A 223 28.59 4.51 -9.96
C LEU A 223 29.56 3.71 -10.80
N LEU A 224 30.78 4.22 -10.94
CA LEU A 224 31.76 3.50 -11.72
C LEU A 224 32.25 2.31 -10.93
N ASP A 225 32.66 2.51 -9.68
CA ASP A 225 33.14 1.39 -8.85
C ASP A 225 32.12 0.28 -8.70
N TYR A 226 30.85 0.63 -8.77
CA TYR A 226 29.80 -0.36 -8.62
C TYR A 226 29.97 -1.41 -9.72
N HIS A 227 29.97 -0.99 -10.98
CA HIS A 227 30.12 -1.95 -12.06
C HIS A 227 31.58 -2.43 -12.11
N ALA A 228 32.52 -1.49 -12.09
CA ALA A 228 33.95 -1.81 -12.15
C ALA A 228 34.31 -2.98 -11.26
N SER A 229 33.85 -2.93 -10.01
CA SER A 229 34.13 -3.98 -9.05
C SER A 229 33.48 -5.29 -9.47
N LYS A 230 32.33 -5.21 -10.12
CA LYS A 230 31.65 -6.43 -10.55
C LYS A 230 32.25 -6.99 -11.84
N GLY A 231 33.46 -6.54 -12.15
CA GLY A 231 34.16 -7.00 -13.33
C GLY A 231 33.43 -6.84 -14.64
N ARG A 232 32.41 -5.99 -14.64
CA ARG A 232 31.61 -5.73 -15.83
C ARG A 232 32.35 -4.74 -16.68
N LEU A 233 33.38 -4.15 -16.11
CA LEU A 233 34.16 -3.17 -16.83
C LEU A 233 35.29 -3.82 -17.61
N GLN A 234 35.76 -4.96 -17.12
CA GLN A 234 36.85 -5.66 -17.80
C GLN A 234 36.55 -5.80 -19.30
N GLY A 235 37.38 -5.15 -20.12
CA GLY A 235 37.19 -5.24 -21.56
C GLY A 235 36.17 -4.27 -22.15
N ARG A 236 35.93 -3.16 -21.47
CA ARG A 236 34.96 -2.20 -21.99
C ARG A 236 35.35 -0.75 -21.72
N GLU A 237 34.44 0.14 -22.05
CA GLU A 237 34.60 1.57 -21.83
C GLU A 237 33.31 2.00 -21.16
N GLY A 238 33.42 2.65 -20.02
CA GLY A 238 32.25 3.10 -19.29
C GLY A 238 31.40 4.08 -20.07
N GLY A 239 32.05 4.96 -20.82
CA GLY A 239 31.32 5.94 -21.60
C GLY A 239 30.75 7.03 -20.72
N ARG A 240 29.58 7.53 -21.09
CA ARG A 240 28.90 8.59 -20.34
C ARG A 240 27.76 8.04 -19.47
N VAL A 241 27.26 8.87 -18.55
CA VAL A 241 26.17 8.47 -17.65
C VAL A 241 24.81 8.50 -18.32
N ALA A 242 24.04 7.43 -18.13
CA ALA A 242 22.71 7.34 -18.73
C ALA A 242 21.60 7.16 -17.71
N TRP A 243 20.79 8.19 -17.51
CA TRP A 243 19.70 8.10 -16.58
C TRP A 243 18.67 7.16 -17.19
N VAL A 244 18.35 6.13 -16.43
CA VAL A 244 17.44 5.08 -16.85
C VAL A 244 16.26 4.91 -15.90
N ALA A 245 15.22 4.20 -16.35
CA ALA A 245 14.03 3.95 -15.53
C ALA A 245 13.78 2.43 -15.46
N ASP A 246 12.95 1.99 -14.51
CA ASP A 246 12.73 0.57 -14.32
C ASP A 246 12.38 -0.50 -15.41
N PRO A 247 11.22 -0.38 -16.13
CA PRO A 247 10.07 0.55 -16.02
C PRO A 247 8.88 0.24 -15.11
N LYS A 248 9.02 -0.67 -14.15
CA LYS A 248 7.87 -0.94 -13.25
C LYS A 248 7.72 0.28 -12.32
N ASP A 249 8.80 1.03 -12.18
CA ASP A 249 8.84 2.26 -11.40
C ASP A 249 9.29 3.30 -12.44
N PRO A 250 8.39 3.65 -13.37
CA PRO A 250 8.65 4.60 -14.45
C PRO A 250 8.98 6.04 -14.02
N ARG A 251 8.64 6.36 -12.77
CA ARG A 251 8.86 7.70 -12.26
C ARG A 251 10.18 7.95 -11.57
N LYS A 252 10.87 6.88 -11.17
CA LYS A 252 12.14 7.06 -10.47
C LYS A 252 13.36 6.65 -11.29
N PRO A 253 14.20 7.64 -11.64
CA PRO A 253 15.43 7.47 -12.42
C PRO A 253 16.60 6.87 -11.63
N ILE A 254 17.30 5.93 -12.26
CA ILE A 254 18.46 5.33 -11.61
C ILE A 254 19.61 5.58 -12.56
N PRO A 255 20.82 5.73 -12.03
CA PRO A 255 21.87 5.97 -12.99
C PRO A 255 22.49 4.73 -13.59
N HIS A 256 23.07 4.91 -14.76
CA HIS A 256 23.70 3.83 -15.48
C HIS A 256 24.74 4.41 -16.43
N LEU A 257 25.29 3.56 -17.25
CA LEU A 257 26.38 3.91 -18.10
C LEU A 257 26.31 3.44 -19.52
N THR A 258 26.43 4.33 -20.49
CA THR A 258 26.36 3.92 -21.90
C THR A 258 27.30 2.76 -22.33
N GLY A 259 28.51 2.75 -21.81
CA GLY A 259 29.42 1.70 -22.19
C GLY A 259 28.86 0.34 -21.84
N LEU A 260 28.03 0.26 -20.81
CA LEU A 260 27.46 -1.00 -20.38
C LEU A 260 26.04 -1.26 -20.83
N LEU A 261 25.57 -0.50 -21.81
CA LEU A 261 24.21 -0.65 -22.32
C LEU A 261 24.14 -0.97 -23.82
N VAL A 262 23.05 -1.60 -24.23
CA VAL A 262 22.85 -1.97 -25.62
C VAL A 262 21.45 -1.50 -25.99
N PRO A 263 21.34 -0.55 -26.93
CA PRO A 263 20.00 -0.06 -27.31
C PRO A 263 19.10 -1.17 -27.81
N VAL A 264 17.84 -1.11 -27.38
CA VAL A 264 16.85 -2.10 -27.81
C VAL A 264 16.21 -1.46 -29.05
N LEU A 265 16.63 -1.91 -30.23
CA LEU A 265 16.14 -1.33 -31.47
C LEU A 265 14.74 -1.76 -31.88
N THR A 266 14.06 -0.81 -32.52
CA THR A 266 12.69 -0.96 -32.98
C THR A 266 12.67 -0.82 -34.51
N LEU A 267 11.58 -1.21 -35.16
CA LEU A 267 11.50 -1.10 -36.61
C LEU A 267 11.67 0.36 -37.01
N GLU A 268 11.11 1.27 -36.22
CA GLU A 268 11.23 2.68 -36.51
C GLU A 268 12.73 3.08 -36.53
N ASP A 269 13.44 2.83 -35.44
CA ASP A 269 14.87 3.15 -35.32
C ASP A 269 15.64 2.87 -36.62
N LEU A 270 15.44 1.70 -37.18
CA LEU A 270 16.17 1.35 -38.35
C LEU A 270 15.82 2.11 -39.64
N HIS A 271 14.52 2.20 -39.98
CA HIS A 271 13.99 2.61 -41.33
C HIS A 271 14.90 2.31 -42.49
N GLU A 272 15.29 3.27 -43.34
CA GLU A 272 16.11 2.93 -44.49
C GLU A 272 15.27 2.52 -45.68
N SER A 276 9.00 0.54 -44.23
CA SER A 276 8.79 -0.33 -45.38
C SER A 276 10.00 -1.27 -45.57
N LEU A 277 10.40 -1.95 -44.50
CA LEU A 277 11.53 -2.86 -44.57
C LEU A 277 11.16 -4.35 -44.63
N ALA A 278 10.10 -4.65 -45.38
CA ALA A 278 9.62 -6.02 -45.59
C ALA A 278 9.43 -6.89 -44.36
N LEU A 279 8.88 -6.32 -43.30
CA LEU A 279 8.66 -7.09 -42.08
C LEU A 279 7.21 -7.06 -41.61
N SER A 280 6.44 -8.05 -42.05
CA SER A 280 5.02 -8.22 -41.70
C SER A 280 4.58 -9.50 -42.39
N LEU A 281 4.02 -10.44 -41.65
CA LEU A 281 3.64 -11.71 -42.25
C LEU A 281 2.17 -11.94 -42.56
N PRO A 282 1.87 -12.18 -43.84
CA PRO A 282 0.48 -12.42 -44.23
C PRO A 282 0.12 -13.80 -43.69
N TRP A 283 -1.16 -13.98 -43.35
CA TRP A 283 -1.64 -15.24 -42.80
C TRP A 283 -1.13 -16.51 -43.48
N GLU A 284 -1.08 -16.50 -44.81
CA GLU A 284 -0.63 -17.69 -45.53
C GLU A 284 0.86 -17.95 -45.26
N GLU A 285 1.69 -16.93 -45.42
CA GLU A 285 3.12 -17.05 -45.19
C GLU A 285 3.42 -17.38 -43.72
N ARG A 286 2.60 -16.88 -42.83
CA ARG A 286 2.81 -17.13 -41.41
C ARG A 286 2.62 -18.59 -41.08
N ARG A 287 1.54 -19.16 -41.60
CA ARG A 287 1.19 -20.55 -41.36
C ARG A 287 2.25 -21.53 -41.82
N ARG A 288 2.73 -21.36 -43.05
CA ARG A 288 3.73 -22.27 -43.57
C ARG A 288 5.02 -22.16 -42.75
N ARG A 289 5.31 -20.95 -42.28
CA ARG A 289 6.52 -20.74 -41.49
C ARG A 289 6.44 -21.37 -40.13
N THR A 290 5.25 -21.45 -39.55
CA THR A 290 5.16 -22.05 -38.25
C THR A 290 5.29 -23.57 -38.37
N ARG A 291 4.91 -24.11 -39.52
CA ARG A 291 5.04 -25.55 -39.73
C ARG A 291 6.45 -25.92 -40.01
N GLU A 292 7.10 -25.03 -40.69
CA GLU A 292 8.47 -25.23 -41.05
C GLU A 292 9.33 -25.16 -39.77
N ILE A 293 9.22 -24.07 -38.99
CA ILE A 293 9.98 -24.00 -37.74
C ILE A 293 9.66 -25.21 -36.85
N ALA A 294 8.40 -25.59 -36.74
CA ALA A 294 8.04 -26.73 -35.89
C ALA A 294 8.77 -28.01 -36.29
N SER A 295 8.87 -28.25 -37.60
CA SER A 295 9.58 -29.43 -38.07
C SER A 295 11.02 -29.35 -37.61
N TRP A 296 11.57 -28.14 -37.73
CA TRP A 296 12.93 -27.85 -37.31
C TRP A 296 13.13 -28.10 -35.81
N ILE A 297 12.43 -27.36 -34.96
CA ILE A 297 12.65 -27.53 -33.54
C ILE A 297 12.32 -28.93 -33.14
N GLY A 298 11.48 -29.58 -33.92
CA GLY A 298 11.12 -30.95 -33.60
C GLY A 298 12.30 -31.90 -33.71
N ARG A 299 13.14 -31.75 -34.73
CA ARG A 299 14.24 -32.68 -34.84
C ARG A 299 15.20 -32.44 -33.70
N ARG A 300 15.37 -31.20 -33.32
CA ARG A 300 16.27 -30.85 -32.24
C ARG A 300 15.71 -31.12 -30.84
N LEU A 301 14.41 -31.37 -30.74
CA LEU A 301 13.81 -31.64 -29.45
C LEU A 301 13.82 -33.09 -29.00
N GLY A 302 13.80 -34.03 -29.95
CA GLY A 302 13.81 -35.44 -29.60
C GLY A 302 12.62 -35.94 -28.78
N LEU A 303 11.45 -35.34 -28.99
CA LEU A 303 10.25 -35.73 -28.26
C LEU A 303 9.18 -36.19 -29.26
N GLY A 304 9.61 -36.91 -30.29
CA GLY A 304 8.69 -37.39 -31.29
C GLY A 304 8.43 -36.32 -32.34
N THR A 305 7.70 -36.71 -33.37
CA THR A 305 7.38 -35.80 -34.47
C THR A 305 6.18 -34.89 -34.16
N PRO A 306 6.30 -33.62 -34.51
CA PRO A 306 5.20 -32.68 -34.27
C PRO A 306 3.99 -32.94 -35.16
N GLU A 307 2.86 -33.27 -34.55
CA GLU A 307 1.63 -33.49 -35.31
C GLU A 307 0.73 -32.29 -35.04
N ALA A 308 0.57 -31.43 -36.04
CA ALA A 308 -0.26 -30.24 -35.88
C ALA A 308 -1.60 -30.57 -35.24
N VAL A 309 -1.96 -29.84 -34.21
CA VAL A 309 -3.23 -30.09 -33.56
C VAL A 309 -4.36 -29.41 -34.26
N ARG A 310 -5.42 -30.16 -34.51
CA ARG A 310 -6.56 -29.58 -35.18
C ARG A 310 -7.76 -29.70 -34.27
N ALA A 311 -8.65 -28.75 -34.41
CA ALA A 311 -9.80 -28.74 -33.52
C ALA A 311 -11.11 -28.34 -34.12
N GLN A 312 -12.16 -28.64 -33.39
CA GLN A 312 -13.50 -28.32 -33.82
C GLN A 312 -13.82 -26.91 -33.30
N ALA A 313 -14.12 -26.03 -34.24
CA ALA A 313 -14.47 -24.65 -33.93
C ALA A 313 -15.93 -24.40 -34.26
N TYR A 314 -16.74 -24.24 -33.22
CA TYR A 314 -18.17 -23.97 -33.35
C TYR A 314 -18.48 -22.52 -33.48
N ARG A 315 -19.39 -22.22 -34.38
CA ARG A 315 -19.82 -20.86 -34.61
C ARG A 315 -20.98 -20.50 -33.70
N LEU A 316 -20.74 -19.69 -32.68
CA LEU A 316 -21.80 -19.34 -31.73
C LEU A 316 -23.00 -18.59 -32.31
N SER A 317 -24.19 -18.88 -31.79
CA SER A 317 -25.40 -18.21 -32.24
C SER A 317 -25.33 -16.70 -32.00
N ILE A 318 -25.65 -15.95 -33.05
CA ILE A 318 -25.66 -14.49 -33.02
C ILE A 318 -26.83 -14.02 -32.15
N PRO A 319 -26.57 -13.05 -31.26
CA PRO A 319 -27.57 -12.48 -30.34
C PRO A 319 -28.75 -11.67 -30.94
N LYS A 320 -29.96 -11.97 -30.47
CA LYS A 320 -31.13 -11.24 -30.91
C LYS A 320 -31.10 -9.90 -30.19
N LEU A 321 -30.52 -8.92 -30.85
CA LEU A 321 -30.38 -7.58 -30.32
C LEU A 321 -31.62 -6.78 -30.67
N MET A 322 -32.10 -5.99 -29.73
CA MET A 322 -33.26 -5.17 -30.03
C MET A 322 -33.46 -3.97 -29.13
N GLY A 323 -33.58 -2.81 -29.77
CA GLY A 323 -33.82 -1.57 -29.05
C GLY A 323 -35.33 -1.38 -29.06
N ARG A 324 -35.81 -0.25 -29.57
CA ARG A 324 -37.25 -0.03 -29.63
C ARG A 324 -37.86 -1.11 -30.52
N ARG A 325 -37.15 -1.50 -31.56
CA ARG A 325 -37.56 -2.60 -32.44
C ARG A 325 -36.31 -3.40 -32.79
N ALA A 326 -36.49 -4.62 -33.27
CA ALA A 326 -35.35 -5.47 -33.65
C ALA A 326 -34.20 -4.67 -34.30
N VAL A 327 -32.96 -5.09 -34.04
CA VAL A 327 -31.79 -4.39 -34.57
C VAL A 327 -30.64 -5.35 -34.91
N SER A 328 -29.84 -4.97 -35.90
CA SER A 328 -28.71 -5.78 -36.31
C SER A 328 -27.49 -5.45 -35.45
N LYS A 329 -27.48 -4.25 -34.90
CA LYS A 329 -26.36 -3.87 -34.05
C LYS A 329 -26.64 -2.74 -33.09
N PRO A 330 -25.96 -2.80 -31.94
CA PRO A 330 -26.14 -1.79 -30.90
C PRO A 330 -26.24 -0.36 -31.39
N ALA A 331 -25.30 0.09 -32.22
CA ALA A 331 -25.37 1.48 -32.66
C ALA A 331 -26.63 1.83 -33.46
N ASP A 332 -27.36 0.81 -33.91
CA ASP A 332 -28.57 1.07 -34.68
C ASP A 332 -29.68 1.64 -33.82
N ALA A 333 -29.57 1.41 -32.52
CA ALA A 333 -30.57 1.92 -31.59
C ALA A 333 -30.52 3.44 -31.53
N LEU A 334 -29.38 3.99 -31.92
CA LEU A 334 -29.19 5.42 -31.93
C LEU A 334 -30.13 6.09 -32.91
N ARG A 335 -30.63 5.32 -33.87
CA ARG A 335 -31.48 5.91 -34.87
C ARG A 335 -32.83 5.27 -34.94
N VAL A 336 -32.97 4.13 -34.32
CA VAL A 336 -34.24 3.45 -34.30
C VAL A 336 -34.88 3.63 -32.92
N GLY A 337 -34.08 4.09 -31.95
CA GLY A 337 -34.59 4.31 -30.61
C GLY A 337 -34.20 3.24 -29.60
N PHE A 338 -33.97 3.65 -28.37
CA PHE A 338 -33.55 2.73 -27.32
C PHE A 338 -34.60 1.73 -26.88
N TYR A 339 -34.11 0.61 -26.35
CA TYR A 339 -34.97 -0.46 -25.86
C TYR A 339 -35.93 0.05 -24.78
N ARG A 340 -35.41 0.79 -23.80
CA ARG A 340 -36.24 1.32 -22.73
C ARG A 340 -35.68 2.66 -22.26
N ALA A 341 -36.37 3.75 -22.60
CA ALA A 341 -35.92 5.09 -22.26
C ALA A 341 -36.39 5.70 -20.93
N GLN A 342 -35.93 6.93 -20.68
CA GLN A 342 -36.22 7.65 -19.45
C GLN A 342 -35.73 9.07 -19.63
N GLU A 343 -36.15 9.96 -18.75
CA GLU A 343 -35.69 11.35 -18.82
C GLU A 343 -34.19 11.23 -18.63
N THR A 344 -33.39 11.88 -19.46
CA THR A 344 -31.95 11.75 -19.36
C THR A 344 -31.19 13.06 -19.35
N ALA A 345 -30.22 13.16 -18.43
CA ALA A 345 -29.38 14.36 -18.34
C ALA A 345 -27.88 13.98 -18.48
N LEU A 346 -27.23 14.54 -19.49
CA LEU A 346 -25.83 14.28 -19.73
C LEU A 346 -25.08 15.57 -19.73
N ALA A 347 -23.90 15.56 -19.14
CA ALA A 347 -23.07 16.75 -19.11
C ALA A 347 -21.81 16.36 -19.84
N LEU A 348 -21.29 17.29 -20.63
CA LEU A 348 -20.06 17.05 -21.37
C LEU A 348 -18.95 17.83 -20.66
N LEU A 349 -17.86 17.13 -20.35
CA LEU A 349 -16.70 17.74 -19.69
C LEU A 349 -15.54 17.66 -20.67
N ARG A 350 -15.25 18.81 -21.23
CA ARG A 350 -14.27 19.08 -22.23
C ARG A 350 -12.88 19.37 -21.64
N LEU A 351 -11.95 18.43 -21.67
CA LEU A 351 -10.65 18.73 -21.08
C LEU A 351 -9.61 19.05 -22.15
N ASP A 352 -10.08 19.23 -23.37
CA ASP A 352 -9.23 19.52 -24.50
C ASP A 352 -8.94 21.00 -24.75
N GLY A 353 -9.95 21.81 -25.01
CA GLY A 353 -9.66 23.19 -25.31
C GLY A 353 -10.83 24.05 -25.66
N ALA A 354 -12.05 23.50 -25.80
CA ALA A 354 -13.06 24.51 -26.18
C ALA A 354 -14.32 24.73 -25.41
N GLN A 355 -15.44 24.69 -26.19
CA GLN A 355 -16.64 24.95 -25.55
C GLN A 355 -17.64 23.84 -25.66
N GLY A 356 -18.45 23.71 -26.69
CA GLY A 356 -19.35 22.61 -26.55
C GLY A 356 -19.39 21.26 -27.16
N TRP A 357 -20.64 20.86 -27.09
CA TRP A 357 -20.99 19.64 -27.68
C TRP A 357 -20.56 19.60 -29.19
N PRO A 358 -19.73 18.61 -29.65
CA PRO A 358 -19.40 18.63 -31.11
C PRO A 358 -20.66 18.35 -31.93
N GLU A 359 -21.00 19.30 -32.80
CA GLU A 359 -22.18 19.21 -33.65
C GLU A 359 -22.65 17.79 -33.95
N PHE A 360 -21.75 16.92 -34.41
CA PHE A 360 -22.19 15.57 -34.73
C PHE A 360 -22.59 14.71 -33.54
N LEU A 361 -22.16 15.09 -32.33
CA LEU A 361 -22.53 14.36 -31.12
C LEU A 361 -23.92 14.84 -30.65
N ARG A 362 -24.14 16.15 -30.74
CA ARG A 362 -25.43 16.75 -30.38
C ARG A 362 -26.53 16.13 -31.26
N ARG A 363 -26.25 16.03 -32.56
CA ARG A 363 -27.16 15.47 -33.55
C ARG A 363 -27.59 14.02 -33.20
N ALA A 364 -26.60 13.15 -32.98
CA ALA A 364 -26.92 11.76 -32.70
C ALA A 364 -27.78 11.61 -31.46
N LEU A 365 -27.41 12.34 -30.42
CA LEU A 365 -28.13 12.30 -29.18
C LEU A 365 -29.57 12.82 -29.36
N LEU A 366 -29.72 14.01 -29.94
CA LEU A 366 -31.04 14.63 -30.17
C LEU A 366 -31.91 13.74 -31.00
N ARG A 367 -31.26 13.07 -31.92
CA ARG A 367 -32.00 12.21 -32.76
C ARG A 367 -32.33 10.89 -32.08
N ALA A 368 -31.38 10.37 -31.32
CA ALA A 368 -31.61 9.11 -30.64
C ALA A 368 -32.80 9.26 -29.70
N PHE A 369 -32.81 10.30 -28.89
CA PHE A 369 -33.93 10.48 -27.97
C PHE A 369 -35.21 10.80 -28.69
N GLY A 370 -35.11 11.48 -29.83
CA GLY A 370 -36.30 11.80 -30.59
C GLY A 370 -36.96 10.51 -31.03
N ALA A 371 -36.15 9.56 -31.49
CA ALA A 371 -36.69 8.28 -31.96
C ALA A 371 -37.23 7.44 -30.83
N SER A 372 -36.78 7.74 -29.61
CA SER A 372 -37.21 7.01 -28.42
C SER A 372 -38.43 7.69 -27.81
N GLY A 373 -38.56 8.98 -28.04
CA GLY A 373 -39.68 9.71 -27.49
C GLY A 373 -39.42 10.00 -26.03
N ALA A 374 -38.25 10.55 -25.73
CA ALA A 374 -37.88 10.84 -24.37
C ALA A 374 -37.16 12.16 -24.24
N SER A 375 -37.25 12.72 -23.04
CA SER A 375 -36.66 14.01 -22.72
C SER A 375 -35.17 13.87 -22.42
N LEU A 376 -34.38 14.76 -23.01
CA LEU A 376 -32.94 14.78 -22.84
C LEU A 376 -32.44 16.17 -22.57
N ARG A 377 -31.42 16.27 -21.72
CA ARG A 377 -30.80 17.57 -21.45
C ARG A 377 -29.34 17.43 -21.76
N LEU A 378 -28.80 18.31 -22.59
CA LEU A 378 -27.39 18.30 -22.95
C LEU A 378 -26.64 19.38 -22.21
N HIS A 379 -26.23 19.05 -20.99
CA HIS A 379 -25.50 19.98 -20.12
C HIS A 379 -24.07 20.17 -20.63
N THR A 380 -23.33 21.07 -20.00
CA THR A 380 -21.95 21.34 -20.33
C THR A 380 -21.24 21.82 -19.06
N LEU A 381 -20.17 21.13 -18.65
CA LEU A 381 -19.49 21.57 -17.44
C LEU A 381 -18.52 22.70 -17.75
N HIS A 382 -18.92 23.91 -17.37
CA HIS A 382 -18.07 25.09 -17.57
C HIS A 382 -17.09 25.18 -16.40
N ALA A 383 -16.78 24.01 -15.85
CA ALA A 383 -15.83 23.93 -14.75
C ALA A 383 -14.53 23.56 -15.42
N HIS A 384 -13.44 24.16 -14.97
CA HIS A 384 -12.14 23.88 -15.56
C HIS A 384 -11.79 22.41 -15.36
N PRO A 385 -10.62 21.98 -15.87
CA PRO A 385 -10.25 20.58 -15.68
C PRO A 385 -10.32 20.34 -14.18
N SER A 386 -10.02 19.14 -13.72
CA SER A 386 -10.07 18.92 -12.28
C SER A 386 -9.06 19.82 -11.58
N GLN A 387 -9.36 21.11 -11.50
CA GLN A 387 -8.44 22.05 -10.86
C GLN A 387 -9.08 22.96 -9.81
N GLY A 388 -9.20 22.43 -8.59
CA GLY A 388 -9.76 23.20 -7.50
C GLY A 388 -10.88 22.46 -6.81
N LEU A 389 -11.17 22.88 -5.58
CA LEU A 389 -12.27 22.26 -4.87
C LEU A 389 -13.50 22.77 -5.60
N ALA A 390 -13.30 23.80 -6.41
CA ALA A 390 -14.38 24.39 -7.21
C ALA A 390 -14.91 23.35 -8.18
N PHE A 391 -14.02 22.54 -8.74
CA PHE A 391 -14.39 21.47 -9.68
C PHE A 391 -15.30 20.51 -8.92
N ARG A 392 -14.86 20.07 -7.75
CA ARG A 392 -15.65 19.18 -6.91
C ARG A 392 -17.04 19.81 -6.74
N GLU A 393 -17.07 21.15 -6.70
CA GLU A 393 -18.30 21.92 -6.52
C GLU A 393 -19.17 21.94 -7.77
N ALA A 394 -18.55 22.20 -8.92
CA ALA A 394 -19.29 22.22 -10.18
C ALA A 394 -19.96 20.87 -10.43
N LEU A 395 -19.32 19.80 -9.97
CA LEU A 395 -19.83 18.45 -10.12
C LEU A 395 -21.02 18.22 -9.22
N ARG A 396 -20.86 18.56 -7.95
CA ARG A 396 -21.94 18.38 -6.98
C ARG A 396 -23.19 19.09 -7.48
N LYS A 397 -22.99 20.30 -8.00
CA LYS A 397 -24.05 21.12 -8.54
C LYS A 397 -24.76 20.37 -9.69
N ALA A 398 -23.96 19.87 -10.62
CA ALA A 398 -24.45 19.12 -11.79
C ALA A 398 -25.29 17.89 -11.43
N LYS A 399 -24.88 17.15 -10.41
CA LYS A 399 -25.59 15.95 -10.02
C LYS A 399 -26.88 16.34 -9.34
N GLU A 400 -26.83 17.46 -8.63
CA GLU A 400 -27.99 17.96 -7.90
C GLU A 400 -29.00 18.41 -8.94
N GLU A 401 -28.51 19.04 -9.99
CA GLU A 401 -29.35 19.53 -11.07
C GLU A 401 -29.87 18.40 -11.96
N GLY A 402 -29.57 17.15 -11.61
CA GLY A 402 -30.06 16.04 -12.41
C GLY A 402 -29.17 15.34 -13.43
N VAL A 403 -27.90 15.71 -13.55
CA VAL A 403 -27.04 15.02 -14.49
C VAL A 403 -26.89 13.58 -14.03
N GLN A 404 -26.81 12.65 -14.98
CA GLN A 404 -26.73 11.23 -14.66
C GLN A 404 -25.44 10.57 -15.13
N ALA A 405 -24.65 11.27 -15.93
CA ALA A 405 -23.41 10.69 -16.42
C ALA A 405 -22.70 11.78 -17.15
N VAL A 406 -21.39 11.68 -17.19
CA VAL A 406 -20.59 12.70 -17.85
C VAL A 406 -19.77 12.09 -18.97
N LEU A 407 -19.68 12.83 -20.07
CA LEU A 407 -18.92 12.42 -21.24
C LEU A 407 -17.65 13.23 -21.15
N VAL A 408 -16.52 12.54 -21.09
CA VAL A 408 -15.25 13.23 -20.99
C VAL A 408 -14.49 13.16 -22.31
N LEU A 409 -14.34 14.33 -22.93
CA LEU A 409 -13.61 14.49 -24.19
C LEU A 409 -12.22 14.92 -23.74
N THR A 410 -11.27 14.00 -23.80
CA THR A 410 -9.94 14.29 -23.31
C THR A 410 -8.82 13.59 -24.06
N PRO A 411 -7.65 14.25 -24.15
CA PRO A 411 -6.49 13.66 -24.82
C PRO A 411 -6.18 12.38 -24.06
N PRO A 412 -5.49 11.42 -24.69
CA PRO A 412 -5.19 10.19 -23.98
C PRO A 412 -4.62 10.39 -22.57
N MET A 413 -5.14 9.62 -21.62
CA MET A 413 -4.71 9.71 -20.23
C MET A 413 -3.98 8.44 -19.80
N ALA A 414 -3.11 8.59 -18.81
CA ALA A 414 -2.38 7.45 -18.27
C ALA A 414 -3.46 6.64 -17.61
N TRP A 415 -3.33 5.34 -17.54
CA TRP A 415 -4.49 4.76 -16.95
C TRP A 415 -4.62 5.07 -15.44
N GLU A 416 -3.63 5.71 -14.86
CA GLU A 416 -3.70 6.05 -13.45
C GLU A 416 -4.55 7.29 -13.39
N ASP A 417 -4.21 8.28 -14.20
CA ASP A 417 -4.99 9.52 -14.25
C ASP A 417 -6.44 9.30 -14.68
N ARG A 418 -6.68 8.20 -15.41
CA ARG A 418 -8.01 7.85 -15.90
C ARG A 418 -8.85 7.29 -14.78
N ASN A 419 -8.23 6.46 -13.97
CA ASN A 419 -8.93 5.89 -12.85
C ASN A 419 -9.14 6.92 -11.74
N ARG A 420 -8.23 7.88 -11.68
CA ARG A 420 -8.34 8.92 -10.68
C ARG A 420 -9.60 9.75 -10.98
N LEU A 421 -9.63 10.33 -12.18
CA LEU A 421 -10.77 11.14 -12.61
C LEU A 421 -12.10 10.42 -12.42
N LYS A 422 -12.17 9.17 -12.88
CA LYS A 422 -13.40 8.41 -12.73
C LYS A 422 -13.76 8.29 -11.26
N ALA A 423 -12.73 8.29 -10.41
CA ALA A 423 -12.93 8.16 -8.97
C ALA A 423 -13.51 9.45 -8.40
N LEU A 424 -13.01 10.58 -8.87
CA LEU A 424 -13.49 11.86 -8.39
C LEU A 424 -14.99 11.98 -8.67
N LEU A 425 -15.36 11.80 -9.93
CA LEU A 425 -16.75 11.89 -10.39
C LEU A 425 -17.72 10.92 -9.72
N LEU A 426 -17.39 9.64 -9.74
CA LEU A 426 -18.23 8.58 -9.16
C LEU A 426 -18.49 8.88 -7.72
N ARG A 427 -17.63 9.70 -7.18
CA ARG A 427 -17.72 10.09 -5.82
C ARG A 427 -18.99 10.80 -5.58
N GLU A 428 -19.13 11.80 -6.42
CA GLU A 428 -20.25 12.70 -6.44
C GLU A 428 -21.44 12.03 -7.08
N GLY A 429 -21.29 10.74 -7.37
CA GLY A 429 -22.37 9.97 -7.99
C GLY A 429 -22.49 10.09 -9.50
N LEU A 430 -21.46 10.61 -10.16
CA LEU A 430 -21.50 10.78 -11.62
C LEU A 430 -20.74 9.75 -12.47
N PRO A 431 -21.46 8.74 -13.02
CA PRO A 431 -20.78 7.74 -13.87
C PRO A 431 -20.04 8.45 -14.99
N SER A 432 -19.21 7.74 -15.73
CA SER A 432 -18.44 8.41 -16.78
C SER A 432 -18.00 7.54 -17.96
N GLN A 433 -17.70 8.20 -19.07
CA GLN A 433 -17.29 7.53 -20.29
C GLN A 433 -16.24 8.39 -20.96
N ILE A 434 -15.09 7.79 -21.25
CA ILE A 434 -14.00 8.50 -21.88
C ILE A 434 -14.10 8.42 -23.40
N LEU A 435 -13.66 9.47 -24.06
CA LEU A 435 -13.69 9.55 -25.51
C LEU A 435 -12.50 10.45 -25.86
N ASN A 436 -11.41 9.82 -26.32
CA ASN A 436 -10.17 10.54 -26.66
C ASN A 436 -10.35 11.61 -27.71
N VAL A 437 -9.82 12.79 -27.39
CA VAL A 437 -9.96 14.01 -28.19
C VAL A 437 -9.79 14.08 -29.73
N PRO A 438 -8.73 13.47 -30.31
CA PRO A 438 -8.67 13.57 -31.77
C PRO A 438 -9.90 12.86 -32.33
N LEU A 439 -10.96 13.62 -32.60
CA LEU A 439 -12.18 13.03 -33.09
C LEU A 439 -12.64 13.71 -34.35
N ARG A 440 -13.04 12.90 -35.33
CA ARG A 440 -13.50 13.41 -36.61
C ARG A 440 -14.84 12.81 -37.01
N GLU A 441 -15.70 13.66 -37.57
CA GLU A 441 -17.04 13.25 -38.02
C GLU A 441 -17.11 11.78 -38.45
N GLU A 442 -16.39 11.45 -39.51
CA GLU A 442 -16.41 10.11 -40.06
C GLU A 442 -15.69 8.99 -39.28
N GLU A 443 -15.76 9.02 -37.95
CA GLU A 443 -15.13 7.97 -37.14
C GLU A 443 -16.22 7.22 -36.40
N ARG A 444 -17.33 7.05 -37.10
CA ARG A 444 -18.54 6.39 -36.61
C ARG A 444 -18.39 5.23 -35.62
N HIS A 445 -17.39 4.38 -35.79
CA HIS A 445 -17.28 3.26 -34.86
C HIS A 445 -16.96 3.62 -33.42
N ARG A 446 -15.92 4.42 -33.21
CA ARG A 446 -15.53 4.75 -31.84
C ARG A 446 -16.57 5.55 -31.06
N TRP A 447 -16.99 6.69 -31.60
CA TRP A 447 -17.95 7.50 -30.88
C TRP A 447 -19.36 6.95 -30.72
N GLU A 448 -19.86 6.16 -31.66
CA GLU A 448 -21.20 5.60 -31.50
C GLU A 448 -21.20 4.68 -30.29
N ASN A 449 -20.07 4.00 -30.07
CA ASN A 449 -19.98 3.12 -28.93
C ASN A 449 -19.81 3.96 -27.65
N ALA A 450 -18.90 4.93 -27.68
CA ALA A 450 -18.69 5.79 -26.52
C ALA A 450 -20.05 6.31 -26.05
N LEU A 451 -20.87 6.73 -27.01
CA LEU A 451 -22.20 7.25 -26.73
C LEU A 451 -23.07 6.18 -26.10
N LEU A 452 -22.86 4.94 -26.47
CA LEU A 452 -23.64 3.86 -25.88
C LEU A 452 -23.26 3.60 -24.42
N GLY A 453 -21.98 3.70 -24.10
CA GLY A 453 -21.54 3.48 -22.74
C GLY A 453 -22.04 4.57 -21.81
N LEU A 454 -21.97 5.80 -22.33
CA LEU A 454 -22.43 6.96 -21.61
C LEU A 454 -23.91 6.74 -21.24
N LEU A 455 -24.70 6.30 -22.21
CA LEU A 455 -26.13 6.10 -21.99
C LEU A 455 -26.44 4.90 -21.10
N ALA A 456 -25.72 3.81 -21.32
CA ALA A 456 -25.92 2.61 -20.52
C ALA A 456 -25.64 2.93 -19.06
N LYS A 457 -24.62 3.76 -18.83
CA LYS A 457 -24.23 4.17 -17.49
C LYS A 457 -25.22 5.16 -16.90
N ALA A 458 -25.82 5.98 -17.76
CA ALA A 458 -26.79 6.94 -17.31
C ALA A 458 -28.04 6.27 -16.76
N GLY A 459 -28.08 4.95 -16.78
CA GLY A 459 -29.23 4.23 -16.29
C GLY A 459 -30.19 3.95 -17.45
N LEU A 460 -29.74 4.30 -18.63
CA LEU A 460 -30.53 4.12 -19.82
C LEU A 460 -30.22 2.78 -20.51
N GLN A 461 -31.26 1.98 -20.70
CA GLN A 461 -31.11 0.68 -21.34
C GLN A 461 -31.27 0.70 -22.87
N VAL A 462 -30.17 1.05 -23.53
CA VAL A 462 -30.06 1.13 -24.98
C VAL A 462 -30.58 -0.08 -25.74
N VAL A 463 -30.00 -1.24 -25.44
CA VAL A 463 -30.37 -2.49 -26.09
C VAL A 463 -30.54 -3.60 -25.08
N ALA A 464 -31.36 -4.58 -25.43
CA ALA A 464 -31.59 -5.73 -24.58
C ALA A 464 -31.26 -7.00 -25.37
N LEU A 465 -30.64 -7.97 -24.72
CA LEU A 465 -30.28 -9.22 -25.38
C LEU A 465 -31.43 -10.21 -25.25
N SER A 466 -31.64 -11.03 -26.28
CA SER A 466 -32.71 -12.03 -26.35
C SER A 466 -33.13 -12.57 -24.99
N GLY A 467 -32.43 -13.59 -24.51
CA GLY A 467 -32.75 -14.12 -23.20
C GLY A 467 -32.12 -15.46 -22.85
N ALA A 468 -32.43 -15.93 -21.66
CA ALA A 468 -31.95 -17.21 -21.16
C ALA A 468 -30.44 -17.44 -21.13
N TYR A 469 -29.77 -16.83 -20.15
CA TYR A 469 -28.34 -17.01 -19.99
C TYR A 469 -28.08 -17.57 -18.59
N PRO A 470 -26.90 -18.19 -18.38
CA PRO A 470 -26.60 -18.73 -17.05
C PRO A 470 -26.73 -17.70 -15.91
N ALA A 471 -25.95 -16.63 -16.01
CA ALA A 471 -25.97 -15.59 -14.98
C ALA A 471 -26.91 -14.44 -15.33
N GLU A 472 -27.56 -13.87 -14.32
CA GLU A 472 -28.44 -12.75 -14.55
C GLU A 472 -27.70 -11.48 -14.12
N LEU A 473 -26.44 -11.65 -13.74
CA LEU A 473 -25.54 -10.58 -13.32
C LEU A 473 -24.15 -11.06 -13.62
N ALA A 474 -23.37 -10.33 -14.42
CA ALA A 474 -22.01 -10.75 -14.74
C ALA A 474 -21.05 -9.62 -14.46
N VAL A 475 -20.03 -9.85 -13.67
CA VAL A 475 -19.12 -8.77 -13.39
C VAL A 475 -17.67 -9.05 -13.65
N GLY A 476 -17.05 -8.13 -14.39
CA GLY A 476 -15.64 -8.25 -14.73
C GLY A 476 -14.77 -7.56 -13.70
N PHE A 477 -13.56 -8.08 -13.50
CA PHE A 477 -12.63 -7.49 -12.54
C PHE A 477 -11.37 -7.08 -13.25
N ASP A 478 -10.74 -6.02 -12.75
CA ASP A 478 -9.54 -5.51 -13.38
C ASP A 478 -8.60 -4.85 -12.38
N ALA A 479 -7.32 -5.24 -12.46
CA ALA A 479 -6.27 -4.69 -11.60
C ALA A 479 -5.22 -4.06 -12.52
N GLY A 480 -5.64 -3.82 -13.75
CA GLY A 480 -4.78 -3.22 -14.76
C GLY A 480 -3.31 -3.55 -14.70
N GLY A 481 -2.93 -4.70 -15.25
CA GLY A 481 -1.53 -5.09 -15.25
C GLY A 481 -1.02 -5.59 -13.91
N ARG A 482 -1.44 -4.95 -12.83
CA ARG A 482 -1.00 -5.33 -11.48
C ARG A 482 -1.44 -6.76 -11.12
N GLU A 483 -0.48 -7.62 -10.83
CA GLU A 483 -0.76 -9.00 -10.50
C GLU A 483 -1.43 -9.24 -9.14
N SER A 484 -2.26 -8.32 -8.67
CA SER A 484 -2.98 -8.48 -7.40
C SER A 484 -3.96 -7.32 -7.18
N PHE A 485 -5.03 -7.57 -6.42
CA PHE A 485 -6.03 -6.54 -6.19
C PHE A 485 -5.92 -5.61 -4.99
N ARG A 486 -4.71 -5.46 -4.46
CA ARG A 486 -4.51 -4.57 -3.33
C ARG A 486 -4.40 -3.21 -4.01
N PHE A 487 -3.31 -3.09 -4.75
CA PHE A 487 -3.00 -1.88 -5.43
C PHE A 487 -3.85 -1.52 -6.59
N GLY A 488 -5.06 -1.13 -6.21
CA GLY A 488 -6.06 -0.76 -7.18
C GLY A 488 -7.11 -1.83 -7.18
N GLY A 489 -8.01 -1.73 -8.14
CA GLY A 489 -9.08 -2.70 -8.23
C GLY A 489 -10.27 -1.96 -8.77
N ALA A 490 -10.84 -2.49 -9.85
CA ALA A 490 -11.99 -1.88 -10.46
C ALA A 490 -12.85 -3.02 -10.95
N ALA A 491 -14.16 -2.78 -10.98
CA ALA A 491 -15.10 -3.78 -11.40
C ALA A 491 -16.25 -3.16 -12.17
N CYS A 492 -16.71 -3.86 -13.21
CA CYS A 492 -17.86 -3.39 -13.99
C CYS A 492 -18.89 -4.51 -13.98
N ALA A 493 -20.14 -4.15 -13.72
CA ALA A 493 -21.21 -5.12 -13.67
C ALA A 493 -22.21 -4.89 -14.79
N VAL A 494 -22.66 -5.98 -15.41
CA VAL A 494 -23.64 -5.90 -16.46
C VAL A 494 -24.83 -6.67 -15.98
N GLY A 495 -25.99 -6.04 -16.05
CA GLY A 495 -27.22 -6.64 -15.58
C GLY A 495 -27.68 -7.92 -16.21
N GLY A 496 -26.85 -8.56 -17.03
CA GLY A 496 -27.27 -9.80 -17.67
C GLY A 496 -28.33 -9.43 -18.68
N ASP A 497 -28.11 -9.80 -19.94
CA ASP A 497 -29.06 -9.44 -20.98
C ASP A 497 -29.25 -7.91 -20.98
N GLY A 498 -28.13 -7.19 -21.07
CA GLY A 498 -28.11 -5.74 -21.16
C GLY A 498 -28.54 -4.77 -20.06
N GLY A 499 -29.23 -5.22 -19.02
CA GLY A 499 -29.64 -4.30 -17.97
C GLY A 499 -28.48 -3.65 -17.22
N HIS A 500 -27.45 -3.24 -17.97
CA HIS A 500 -26.25 -2.62 -17.41
C HIS A 500 -26.33 -2.08 -15.96
N LEU A 501 -25.45 -2.58 -15.10
CA LEU A 501 -25.38 -2.16 -13.71
C LEU A 501 -24.31 -1.06 -13.57
N LEU A 502 -23.31 -1.17 -12.69
CA LEU A 502 -22.22 -0.19 -12.70
C LEU A 502 -20.77 -0.50 -12.71
N TRP A 503 -20.11 0.58 -12.38
CA TRP A 503 -18.71 0.66 -12.39
C TRP A 503 -18.26 1.05 -11.08
N THR A 504 -17.20 0.46 -10.57
CA THR A 504 -16.83 0.97 -9.29
C THR A 504 -15.46 0.54 -8.95
N LEU A 505 -15.02 0.90 -7.77
CA LEU A 505 -13.75 0.44 -7.24
C LEU A 505 -13.77 0.59 -5.74
N PRO A 506 -12.87 -0.13 -5.07
CA PRO A 506 -12.74 -0.13 -3.62
C PRO A 506 -12.99 1.18 -2.93
N GLU A 507 -14.04 1.20 -2.12
CA GLU A 507 -14.39 2.38 -1.34
C GLU A 507 -13.19 2.78 -0.48
N ALA A 508 -13.38 3.72 0.45
CA ALA A 508 -12.26 4.17 1.28
C ALA A 508 -12.17 3.61 2.70
N GLN A 509 -11.29 2.65 2.88
CA GLN A 509 -11.09 2.10 4.20
C GLN A 509 -9.68 2.45 4.61
N ALA A 510 -9.25 1.94 5.75
CA ALA A 510 -7.93 2.34 6.15
C ALA A 510 -7.02 1.27 6.72
N GLY A 511 -5.81 1.25 6.19
CA GLY A 511 -4.81 0.30 6.64
C GLY A 511 -4.46 -0.62 5.50
N GLU A 512 -3.38 -1.38 5.65
CA GLU A 512 -2.97 -2.32 4.62
C GLU A 512 -4.17 -3.16 4.23
N ARG A 513 -4.33 -3.39 2.93
CA ARG A 513 -5.47 -4.15 2.43
C ARG A 513 -5.16 -5.57 1.97
N ILE A 514 -5.97 -6.52 2.43
CA ILE A 514 -5.82 -7.92 2.08
C ILE A 514 -6.67 -8.10 0.79
N PRO A 515 -6.01 -8.45 -0.34
CA PRO A 515 -6.69 -8.64 -1.63
C PRO A 515 -8.10 -9.26 -1.59
N GLN A 516 -8.25 -10.39 -0.91
CA GLN A 516 -9.53 -11.08 -0.80
C GLN A 516 -10.64 -10.16 -0.28
N GLU A 517 -10.25 -9.13 0.46
CA GLU A 517 -11.22 -8.19 1.00
C GLU A 517 -11.58 -7.15 -0.08
N VAL A 518 -10.59 -6.81 -0.92
CA VAL A 518 -10.84 -5.87 -1.99
C VAL A 518 -11.86 -6.52 -2.89
N VAL A 519 -11.42 -7.61 -3.52
CA VAL A 519 -12.24 -8.38 -4.41
C VAL A 519 -13.64 -8.52 -3.83
N TRP A 520 -13.74 -8.99 -2.59
CA TRP A 520 -15.04 -9.13 -1.98
C TRP A 520 -15.86 -7.83 -2.02
N ASP A 521 -15.25 -6.73 -1.60
CA ASP A 521 -15.97 -5.46 -1.60
C ASP A 521 -16.44 -4.99 -2.98
N LEU A 522 -15.60 -5.16 -4.01
CA LEU A 522 -16.02 -4.77 -5.35
C LEU A 522 -17.34 -5.49 -5.71
N LEU A 523 -17.35 -6.79 -5.49
CA LEU A 523 -18.52 -7.60 -5.77
C LEU A 523 -19.64 -7.19 -4.83
N GLU A 524 -19.26 -6.93 -3.57
CA GLU A 524 -20.21 -6.53 -2.54
C GLU A 524 -21.02 -5.34 -3.03
N GLU A 525 -20.36 -4.41 -3.68
CA GLU A 525 -21.04 -3.23 -4.18
C GLU A 525 -21.98 -3.53 -5.35
N THR A 526 -21.46 -4.28 -6.33
CA THR A 526 -22.22 -4.65 -7.51
C THR A 526 -23.54 -5.33 -7.12
N LEU A 527 -23.51 -6.16 -6.08
CA LEU A 527 -24.73 -6.84 -5.64
C LEU A 527 -25.77 -5.85 -5.16
N TRP A 528 -25.33 -4.81 -4.45
CA TRP A 528 -26.27 -3.80 -3.99
C TRP A 528 -26.79 -3.03 -5.19
N ALA A 529 -25.89 -2.67 -6.10
CA ALA A 529 -26.30 -1.97 -7.30
C ALA A 529 -27.44 -2.77 -7.91
N PHE A 530 -27.15 -4.04 -8.19
CA PHE A 530 -28.10 -4.97 -8.77
C PHE A 530 -29.35 -5.06 -7.89
N ARG A 531 -29.16 -4.96 -6.58
CA ARG A 531 -30.28 -5.04 -5.64
C ARG A 531 -31.25 -3.88 -5.91
N ARG A 532 -30.79 -2.67 -5.62
CA ARG A 532 -31.59 -1.47 -5.81
C ARG A 532 -32.22 -1.39 -7.20
N LYS A 533 -31.42 -1.71 -8.23
CA LYS A 533 -31.86 -1.63 -9.61
C LYS A 533 -32.75 -2.77 -10.12
N ALA A 534 -32.95 -3.82 -9.33
CA ALA A 534 -33.76 -4.93 -9.80
C ALA A 534 -34.68 -5.52 -8.74
N GLY A 535 -34.50 -5.09 -7.49
CA GLY A 535 -35.36 -5.58 -6.42
C GLY A 535 -34.86 -6.75 -5.58
N ARG A 536 -33.95 -7.57 -6.12
CA ARG A 536 -33.44 -8.72 -5.36
C ARG A 536 -32.02 -9.12 -5.75
N LEU A 537 -31.41 -9.98 -4.93
CA LEU A 537 -30.06 -10.46 -5.19
C LEU A 537 -30.09 -11.46 -6.33
N PRO A 538 -29.08 -11.41 -7.23
CA PRO A 538 -28.99 -12.31 -8.37
C PRO A 538 -28.90 -13.78 -7.93
N SER A 539 -29.57 -14.66 -8.67
CA SER A 539 -29.56 -16.07 -8.34
C SER A 539 -28.22 -16.70 -8.68
N ARG A 540 -27.61 -16.24 -9.77
CA ARG A 540 -26.33 -16.75 -10.24
C ARG A 540 -25.49 -15.59 -10.78
N VAL A 541 -24.18 -15.61 -10.53
CA VAL A 541 -23.31 -14.54 -10.98
C VAL A 541 -22.14 -15.10 -11.77
N LEU A 542 -21.69 -14.34 -12.78
CA LEU A 542 -20.56 -14.75 -13.59
C LEU A 542 -19.43 -13.79 -13.26
N LEU A 543 -18.33 -14.31 -12.74
CA LEU A 543 -17.18 -13.48 -12.36
C LEU A 543 -16.04 -13.69 -13.35
N LEU A 544 -15.72 -12.65 -14.11
CA LEU A 544 -14.64 -12.75 -15.08
C LEU A 544 -13.44 -11.99 -14.55
N ARG A 545 -12.30 -12.67 -14.48
CA ARG A 545 -11.09 -12.06 -13.97
C ARG A 545 -9.92 -12.19 -14.96
N ASP A 546 -8.93 -11.32 -14.80
CA ASP A 546 -7.75 -11.37 -15.66
C ASP A 546 -6.84 -12.50 -15.19
N GLY A 547 -6.37 -13.29 -16.14
CA GLY A 547 -5.51 -14.43 -15.82
C GLY A 547 -4.22 -14.16 -15.08
N ARG A 548 -3.53 -13.08 -15.43
CA ARG A 548 -2.25 -12.75 -14.78
C ARG A 548 -2.32 -12.92 -13.25
N VAL A 549 -3.46 -12.59 -12.68
CA VAL A 549 -3.66 -12.72 -11.24
C VAL A 549 -3.90 -14.16 -10.82
N PRO A 550 -3.51 -14.53 -9.59
CA PRO A 550 -3.70 -15.90 -9.10
C PRO A 550 -5.07 -16.02 -8.46
N GLN A 551 -5.84 -17.00 -8.91
CA GLN A 551 -7.19 -17.17 -8.43
C GLN A 551 -7.43 -17.30 -6.92
N ASP A 552 -6.38 -17.40 -6.13
CA ASP A 552 -6.53 -17.52 -4.66
C ASP A 552 -7.30 -16.32 -4.10
N GLU A 553 -7.08 -15.15 -4.70
CA GLU A 553 -7.70 -13.89 -4.28
C GLU A 553 -9.22 -13.80 -4.31
N PHE A 554 -9.88 -14.76 -4.95
CA PHE A 554 -11.33 -14.70 -5.00
C PHE A 554 -12.01 -15.65 -4.02
N ALA A 555 -11.20 -16.39 -3.27
CA ALA A 555 -11.69 -17.36 -2.29
C ALA A 555 -12.71 -16.79 -1.32
N LEU A 556 -12.37 -15.68 -0.67
CA LEU A 556 -13.30 -15.07 0.27
C LEU A 556 -14.57 -14.72 -0.48
N ALA A 557 -14.41 -14.10 -1.64
CA ALA A 557 -15.53 -13.71 -2.46
C ALA A 557 -16.45 -14.90 -2.77
N LEU A 558 -15.88 -16.03 -3.17
CA LEU A 558 -16.68 -17.22 -3.47
C LEU A 558 -17.41 -17.76 -2.26
N GLU A 559 -16.72 -17.78 -1.13
CA GLU A 559 -17.36 -18.28 0.08
C GLU A 559 -18.50 -17.39 0.55
N ALA A 560 -18.42 -16.11 0.20
CA ALA A 560 -19.47 -15.19 0.59
C ALA A 560 -20.71 -15.46 -0.25
N LEU A 561 -20.51 -15.67 -1.55
CA LEU A 561 -21.64 -15.94 -2.43
C LEU A 561 -22.34 -17.23 -2.01
N ALA A 562 -21.53 -18.20 -1.60
CA ALA A 562 -22.03 -19.48 -1.16
C ALA A 562 -22.91 -19.26 0.06
N ARG A 563 -22.41 -18.48 1.01
CA ARG A 563 -23.15 -18.16 2.23
C ARG A 563 -24.47 -17.46 1.88
N GLU A 564 -24.40 -16.50 0.96
CA GLU A 564 -25.57 -15.73 0.53
C GLU A 564 -26.62 -16.54 -0.24
N GLY A 565 -26.21 -17.69 -0.77
CA GLY A 565 -27.15 -18.49 -1.54
C GLY A 565 -27.06 -18.12 -3.02
N ILE A 566 -25.93 -17.52 -3.40
CA ILE A 566 -25.72 -17.13 -4.78
C ILE A 566 -24.76 -18.05 -5.55
N ALA A 567 -25.28 -18.66 -6.60
CA ALA A 567 -24.50 -19.55 -7.44
C ALA A 567 -23.52 -18.70 -8.23
N TYR A 568 -22.49 -19.35 -8.78
CA TYR A 568 -21.45 -18.65 -9.54
C TYR A 568 -20.60 -19.51 -10.50
N ASP A 569 -19.83 -18.82 -11.33
CA ASP A 569 -18.92 -19.42 -12.28
C ASP A 569 -17.81 -18.41 -12.38
N LEU A 570 -16.58 -18.84 -12.09
CA LEU A 570 -15.43 -17.96 -12.17
C LEU A 570 -14.63 -18.36 -13.38
N VAL A 571 -14.53 -17.44 -14.33
CA VAL A 571 -13.77 -17.68 -15.57
C VAL A 571 -12.68 -16.64 -15.63
N SER A 572 -11.48 -17.06 -16.03
CA SER A 572 -10.35 -16.16 -16.14
C SER A 572 -10.03 -15.89 -17.59
N VAL A 573 -9.69 -14.65 -17.91
CA VAL A 573 -9.39 -14.27 -19.29
C VAL A 573 -7.96 -13.84 -19.50
N ARG A 574 -7.42 -14.21 -20.65
CA ARG A 574 -6.06 -13.87 -21.04
C ARG A 574 -6.06 -13.69 -22.55
N LYS A 575 -5.66 -12.51 -23.01
CA LYS A 575 -5.59 -12.19 -24.44
C LYS A 575 -4.22 -12.62 -24.98
N SER A 576 -3.36 -13.05 -24.06
CA SER A 576 -2.01 -13.51 -24.36
C SER A 576 -1.97 -15.04 -24.44
N GLY A 577 -0.86 -15.56 -24.96
CA GLY A 577 -0.70 -17.01 -25.07
C GLY A 577 -1.94 -17.81 -25.39
N GLY A 578 -2.69 -17.37 -26.40
CA GLY A 578 -3.88 -18.09 -26.80
C GLY A 578 -3.54 -18.84 -28.07
N GLY A 579 -2.31 -18.60 -28.54
CA GLY A 579 -1.81 -19.23 -29.75
C GLY A 579 -2.50 -18.64 -30.95
N ARG A 580 -2.48 -19.36 -32.06
CA ARG A 580 -3.11 -18.90 -33.29
C ARG A 580 -4.14 -19.92 -33.72
N VAL A 581 -4.88 -19.58 -34.76
CA VAL A 581 -5.89 -20.49 -35.31
C VAL A 581 -5.99 -20.24 -36.80
N TYR A 582 -5.91 -21.32 -37.56
CA TYR A 582 -5.98 -21.23 -39.02
C TYR A 582 -7.02 -22.20 -39.57
N PRO A 583 -7.56 -21.90 -40.76
CA PRO A 583 -8.56 -22.80 -41.34
C PRO A 583 -7.78 -23.98 -41.89
N VAL A 584 -8.41 -25.15 -42.00
CA VAL A 584 -7.75 -26.31 -42.58
C VAL A 584 -7.89 -26.06 -44.07
N GLN A 585 -9.00 -25.41 -44.42
CA GLN A 585 -9.34 -25.05 -45.79
C GLN A 585 -10.47 -24.02 -45.76
N GLY A 586 -10.55 -23.17 -46.78
CA GLY A 586 -11.57 -22.14 -46.86
C GLY A 586 -11.18 -20.98 -45.98
N ARG A 587 -12.10 -20.09 -45.61
CA ARG A 587 -11.69 -19.04 -44.69
C ARG A 587 -12.41 -19.19 -43.38
N LEU A 588 -12.04 -18.28 -42.48
CA LEU A 588 -12.52 -18.30 -41.11
C LEU A 588 -13.52 -17.21 -40.73
N ALA A 589 -14.61 -17.61 -40.08
CA ALA A 589 -15.66 -16.66 -39.68
C ALA A 589 -15.29 -15.75 -38.51
N ASP A 590 -16.30 -15.09 -37.94
CA ASP A 590 -16.10 -14.15 -36.83
C ASP A 590 -16.18 -14.73 -35.41
N GLY A 591 -17.37 -14.77 -34.83
CA GLY A 591 -17.52 -15.26 -33.46
C GLY A 591 -17.39 -16.76 -33.26
N LEU A 592 -16.17 -17.27 -33.25
CA LEU A 592 -15.94 -18.69 -33.08
C LEU A 592 -15.58 -19.14 -31.69
N TYR A 593 -16.10 -20.31 -31.34
CA TYR A 593 -15.89 -20.95 -30.06
C TYR A 593 -15.06 -22.22 -30.31
N VAL A 594 -13.84 -22.26 -29.80
CA VAL A 594 -12.99 -23.42 -29.98
C VAL A 594 -12.68 -24.09 -28.66
N PRO A 595 -13.41 -25.15 -28.31
CA PRO A 595 -13.03 -25.74 -27.02
C PRO A 595 -11.73 -26.54 -27.22
N LEU A 596 -10.88 -26.53 -26.20
CA LEU A 596 -9.59 -27.22 -26.24
C LEU A 596 -9.48 -28.34 -25.22
N GLU A 597 -9.78 -28.05 -23.95
CA GLU A 597 -9.73 -29.06 -22.91
C GLU A 597 -11.06 -29.00 -22.18
N ASP A 598 -11.24 -29.84 -21.16
CA ASP A 598 -12.50 -29.86 -20.44
C ASP A 598 -12.92 -28.48 -19.92
N LYS A 599 -11.94 -27.67 -19.51
CA LYS A 599 -12.25 -26.35 -18.95
C LYS A 599 -11.66 -25.13 -19.66
N THR A 600 -11.18 -25.28 -20.89
CA THR A 600 -10.59 -24.13 -21.59
C THR A 600 -11.07 -23.98 -23.04
N PHE A 601 -11.20 -22.74 -23.49
CA PHE A 601 -11.61 -22.53 -24.86
C PHE A 601 -11.12 -21.22 -25.39
N LEU A 602 -11.14 -21.12 -26.71
CA LEU A 602 -10.70 -19.94 -27.40
C LEU A 602 -11.95 -19.25 -27.92
N LEU A 603 -11.81 -17.98 -28.22
CA LEU A 603 -12.91 -17.20 -28.74
C LEU A 603 -12.26 -16.30 -29.78
N LEU A 604 -12.68 -16.42 -31.03
CA LEU A 604 -12.13 -15.61 -32.09
C LEU A 604 -13.16 -14.65 -32.62
N THR A 605 -12.69 -13.53 -33.17
CA THR A 605 -13.57 -12.52 -33.74
C THR A 605 -12.83 -11.64 -34.77
N VAL A 606 -12.83 -11.97 -36.08
CA VAL A 606 -12.12 -11.07 -37.05
C VAL A 606 -12.94 -9.74 -37.27
N HIS A 607 -13.16 -9.23 -38.49
CA HIS A 607 -13.93 -7.98 -38.60
C HIS A 607 -13.29 -6.86 -39.44
N ARG A 608 -13.76 -6.68 -40.68
CA ARG A 608 -13.17 -5.76 -41.64
C ARG A 608 -12.55 -6.96 -42.26
N ASP A 609 -11.58 -6.85 -43.15
CA ASP A 609 -11.12 -8.14 -43.43
C ASP A 609 -9.73 -8.54 -43.42
N PHE A 610 -9.36 -8.34 -42.17
CA PHE A 610 -8.09 -8.54 -41.62
C PHE A 610 -7.18 -9.36 -42.49
N ARG A 611 -6.05 -8.75 -42.79
CA ARG A 611 -5.02 -9.39 -43.61
C ARG A 611 -4.04 -10.18 -42.74
N GLY A 612 -3.91 -9.79 -41.47
CA GLY A 612 -3.00 -10.49 -40.58
C GLY A 612 -3.67 -11.70 -39.96
N THR A 613 -3.11 -12.18 -38.85
CA THR A 613 -3.68 -13.33 -38.15
C THR A 613 -4.28 -12.87 -36.81
N PRO A 614 -5.45 -13.40 -36.45
CA PRO A 614 -6.09 -13.02 -35.19
C PRO A 614 -5.54 -13.72 -33.96
N ARG A 615 -5.38 -12.97 -32.88
CA ARG A 615 -4.90 -13.53 -31.61
C ARG A 615 -6.16 -13.77 -30.79
N PRO A 616 -6.62 -15.03 -30.70
CA PRO A 616 -7.82 -15.37 -29.93
C PRO A 616 -7.69 -15.15 -28.43
N LEU A 617 -8.80 -15.22 -27.71
CA LEU A 617 -8.80 -15.05 -26.25
C LEU A 617 -8.88 -16.41 -25.59
N LYS A 618 -7.93 -16.70 -24.70
CA LYS A 618 -7.92 -17.96 -23.98
C LYS A 618 -8.75 -17.76 -22.72
N LEU A 619 -9.73 -18.63 -22.48
CA LEU A 619 -10.59 -18.50 -21.31
C LEU A 619 -10.58 -19.79 -20.55
N VAL A 620 -10.46 -19.70 -19.23
CA VAL A 620 -10.43 -20.89 -18.41
C VAL A 620 -11.48 -20.92 -17.31
N HIS A 621 -12.34 -21.93 -17.38
CA HIS A 621 -13.39 -22.09 -16.39
C HIS A 621 -12.69 -22.66 -15.14
N GLU A 622 -12.60 -21.85 -14.09
CA GLU A 622 -11.92 -22.27 -12.88
C GLU A 622 -12.84 -22.76 -11.76
N ALA A 623 -14.02 -22.17 -11.64
CA ALA A 623 -14.97 -22.61 -10.62
C ALA A 623 -16.32 -22.54 -11.30
N GLY A 624 -17.26 -23.38 -10.90
CA GLY A 624 -18.54 -23.35 -11.53
C GLY A 624 -19.02 -24.69 -12.04
N ASP A 625 -20.29 -24.76 -12.39
CA ASP A 625 -20.91 -26.00 -12.82
C ASP A 625 -21.47 -25.87 -14.24
N THR A 626 -21.56 -24.64 -14.72
CA THR A 626 -22.10 -24.38 -16.03
C THR A 626 -21.28 -24.92 -17.19
N PRO A 627 -21.94 -25.48 -18.20
CA PRO A 627 -21.28 -26.05 -19.38
C PRO A 627 -20.40 -25.01 -20.07
N LEU A 628 -19.28 -25.43 -20.67
CA LEU A 628 -18.44 -24.44 -21.33
C LEU A 628 -19.18 -23.70 -22.43
N GLU A 629 -19.87 -24.43 -23.31
CA GLU A 629 -20.62 -23.83 -24.41
C GLU A 629 -21.52 -22.68 -23.86
N ALA A 630 -22.31 -22.94 -22.82
CA ALA A 630 -23.17 -21.90 -22.27
C ALA A 630 -22.37 -20.67 -21.83
N LEU A 631 -21.26 -20.90 -21.15
CA LEU A 631 -20.37 -19.83 -20.69
C LEU A 631 -19.75 -19.04 -21.87
N ALA A 632 -19.36 -19.75 -22.93
CA ALA A 632 -18.78 -19.10 -24.10
C ALA A 632 -19.80 -18.18 -24.78
N HIS A 633 -21.06 -18.55 -24.70
CA HIS A 633 -22.10 -17.75 -25.31
C HIS A 633 -22.30 -16.46 -24.61
N GLN A 634 -22.39 -16.57 -23.31
CA GLN A 634 -22.61 -15.39 -22.54
C GLN A 634 -21.44 -14.44 -22.66
N ILE A 635 -20.23 -14.94 -22.54
CA ILE A 635 -19.10 -14.04 -22.63
C ILE A 635 -19.04 -13.41 -24.00
N PHE A 636 -19.14 -14.24 -25.03
CA PHE A 636 -19.09 -13.77 -26.42
C PHE A 636 -20.15 -12.71 -26.66
N HIS A 637 -21.36 -12.95 -26.14
CA HIS A 637 -22.44 -11.98 -26.31
C HIS A 637 -22.17 -10.68 -25.54
N LEU A 638 -21.52 -10.77 -24.39
CA LEU A 638 -21.22 -9.58 -23.63
C LEU A 638 -20.17 -8.77 -24.38
N THR A 639 -19.19 -9.44 -24.93
CA THR A 639 -18.15 -8.78 -25.69
C THR A 639 -18.70 -7.86 -26.78
N ARG A 640 -19.52 -8.40 -27.68
CA ARG A 640 -20.09 -7.58 -28.75
C ARG A 640 -20.93 -6.43 -28.21
N LEU A 641 -21.90 -6.76 -27.36
CA LEU A 641 -22.79 -5.76 -26.77
C LEU A 641 -22.07 -4.47 -26.39
N TYR A 642 -20.86 -4.59 -25.83
CA TYR A 642 -20.11 -3.41 -25.44
C TYR A 642 -18.78 -3.26 -26.18
N LYS B 6 1.80 36.37 33.14
CA LYS B 6 3.28 36.14 33.23
C LYS B 6 3.70 35.68 34.64
N THR B 7 4.39 34.54 34.68
CA THR B 7 4.86 33.97 35.94
C THR B 7 6.17 33.23 35.69
N GLU B 8 6.94 32.98 36.75
CA GLU B 8 8.23 32.29 36.63
C GLU B 8 8.12 30.81 37.01
N VAL B 9 8.74 29.93 36.23
CA VAL B 9 8.69 28.50 36.51
C VAL B 9 10.04 27.84 36.36
N PHE B 10 10.17 26.64 36.94
CA PHE B 10 11.40 25.86 36.86
C PHE B 10 11.22 24.70 35.90
N LEU B 11 12.16 24.51 34.99
CA LEU B 11 12.09 23.39 34.05
C LEU B 11 13.09 22.36 34.56
N ASN B 12 12.81 21.09 34.34
CA ASN B 12 13.72 20.06 34.81
C ASN B 12 14.97 19.98 33.92
N ARG B 13 15.54 21.14 33.64
CA ARG B 13 16.74 21.24 32.82
C ARG B 13 17.80 21.91 33.70
N PHE B 14 19.06 21.89 33.24
CA PHE B 14 20.15 22.49 33.99
C PHE B 14 21.27 22.91 33.07
N ALA B 15 21.52 24.21 32.97
CA ALA B 15 22.59 24.72 32.12
C ALA B 15 23.94 24.30 32.68
N LEU B 16 24.86 23.97 31.78
CA LEU B 16 26.22 23.59 32.13
C LEU B 16 27.11 24.55 31.36
N ARG B 17 28.41 24.26 31.33
CA ARG B 17 29.37 25.12 30.66
C ARG B 17 29.12 25.25 29.18
N PRO B 18 29.71 26.28 28.55
CA PRO B 18 29.55 26.52 27.11
C PRO B 18 30.49 25.54 26.42
N LEU B 19 30.24 25.25 25.16
CA LEU B 19 31.09 24.32 24.44
C LEU B 19 32.38 25.00 24.03
N ASN B 20 33.50 24.29 24.12
CA ASN B 20 34.77 24.88 23.73
C ASN B 20 34.88 24.94 22.21
N PRO B 21 35.91 25.64 21.69
CA PRO B 21 36.09 25.75 20.25
C PRO B 21 36.32 24.43 19.50
N GLU B 22 36.84 23.43 20.19
CA GLU B 22 37.07 22.14 19.57
C GLU B 22 35.72 21.44 19.37
N GLU B 23 34.88 21.48 20.41
CA GLU B 23 33.55 20.86 20.37
C GLU B 23 32.61 21.53 19.36
N LEU B 24 32.88 22.78 19.02
CA LEU B 24 32.06 23.51 18.05
C LEU B 24 32.63 23.27 16.65
N ARG B 25 33.70 22.49 16.61
CA ARG B 25 34.36 22.18 15.34
C ARG B 25 34.66 20.70 15.23
N PRO B 26 33.62 19.84 15.38
CA PRO B 26 33.77 18.38 15.31
C PRO B 26 34.42 17.86 14.02
N TRP B 27 34.90 16.62 14.09
CA TRP B 27 35.50 15.99 12.94
C TRP B 27 34.33 15.49 12.08
N ARG B 28 34.53 15.48 10.77
CA ARG B 28 33.51 14.99 9.87
C ARG B 28 34.12 13.79 9.18
N LEU B 29 33.29 12.86 8.73
CA LEU B 29 33.79 11.70 8.03
C LEU B 29 32.83 11.31 6.90
N GLU B 30 33.38 10.95 5.76
CA GLU B 30 32.51 10.58 4.66
C GLU B 30 32.38 9.07 4.75
N VAL B 31 31.33 8.54 4.17
CA VAL B 31 31.08 7.12 4.24
C VAL B 31 30.79 6.49 2.89
N VAL B 32 31.21 5.25 2.72
CA VAL B 32 30.90 4.52 1.52
C VAL B 32 30.36 3.19 2.04
N LEU B 33 29.24 2.77 1.51
CA LEU B 33 28.62 1.52 1.89
C LEU B 33 28.64 0.58 0.71
N ASP B 34 28.60 -0.72 0.97
CA ASP B 34 28.61 -1.72 -0.08
C ASP B 34 27.83 -2.94 0.42
N PRO B 35 26.76 -3.33 -0.30
CA PRO B 35 26.22 -2.72 -1.52
C PRO B 35 25.46 -1.46 -1.18
N PRO B 36 25.20 -0.63 -2.19
CA PRO B 36 24.46 0.62 -1.97
C PRO B 36 23.04 0.22 -1.60
N PRO B 37 22.48 0.85 -0.56
CA PRO B 37 21.12 0.51 -0.18
C PRO B 37 20.10 1.43 -0.85
N GLY B 38 18.81 1.16 -0.64
CA GLY B 38 17.80 2.05 -1.20
C GLY B 38 18.03 3.38 -0.53
N ARG B 39 17.88 4.50 -1.25
CA ARG B 39 18.12 5.81 -0.64
C ARG B 39 17.33 6.05 0.62
N GLU B 40 16.21 5.35 0.77
CA GLU B 40 15.37 5.51 1.95
C GLU B 40 15.96 4.82 3.19
N GLU B 41 16.94 3.95 2.98
CA GLU B 41 17.56 3.22 4.06
C GLU B 41 18.89 3.80 4.52
N VAL B 42 19.48 4.65 3.69
CA VAL B 42 20.76 5.26 4.02
C VAL B 42 20.88 5.85 5.43
N TYR B 43 19.98 6.74 5.81
CA TYR B 43 20.07 7.37 7.14
C TYR B 43 20.01 6.41 8.33
N PRO B 44 19.07 5.46 8.33
CA PRO B 44 19.07 4.57 9.50
C PRO B 44 20.42 3.81 9.58
N LEU B 45 20.98 3.50 8.41
CA LEU B 45 22.26 2.80 8.30
C LEU B 45 23.47 3.63 8.82
N LEU B 46 23.60 4.89 8.42
CA LEU B 46 24.71 5.73 8.89
C LEU B 46 24.66 5.77 10.40
N ALA B 47 23.46 5.86 10.95
CA ALA B 47 23.29 5.87 12.40
C ALA B 47 23.95 4.61 12.91
N GLN B 48 23.72 3.50 12.22
CA GLN B 48 24.34 2.25 12.64
C GLN B 48 25.87 2.34 12.44
N VAL B 49 26.29 3.00 11.35
CA VAL B 49 27.69 3.16 11.07
C VAL B 49 28.34 3.97 12.17
N ALA B 50 27.58 4.86 12.78
CA ALA B 50 28.10 5.69 13.85
C ALA B 50 28.45 4.81 15.05
N ARG B 51 27.64 3.81 15.33
CA ARG B 51 27.90 2.90 16.44
C ARG B 51 29.09 2.00 16.12
N ARG B 52 29.16 1.52 14.88
CA ARG B 52 30.26 0.66 14.48
C ARG B 52 31.58 1.40 14.67
N ALA B 53 31.59 2.66 14.28
CA ALA B 53 32.80 3.48 14.41
C ALA B 53 33.04 3.71 15.89
N GLY B 54 34.12 4.43 16.19
CA GLY B 54 34.42 4.72 17.58
C GLY B 54 33.24 5.25 18.39
N GLY B 55 33.53 6.01 19.44
CA GLY B 55 32.49 6.53 20.31
C GLY B 55 32.45 8.04 20.35
N VAL B 56 31.27 8.58 20.66
CA VAL B 56 31.05 10.02 20.70
C VAL B 56 31.17 10.46 19.25
N THR B 57 30.55 9.67 18.38
CA THR B 57 30.52 9.91 16.95
C THR B 57 29.06 9.79 16.52
N VAL B 58 28.64 10.64 15.59
CA VAL B 58 27.25 10.64 15.18
C VAL B 58 27.04 10.94 13.70
N ARG B 59 25.81 10.71 13.22
CA ARG B 59 25.47 10.95 11.83
C ARG B 59 25.34 12.43 11.53
N MET B 60 25.93 12.86 10.42
CA MET B 60 25.84 14.25 9.99
C MET B 60 25.63 14.26 8.48
N GLY B 61 24.50 14.82 8.04
CA GLY B 61 24.21 14.85 6.62
C GLY B 61 24.21 13.40 6.22
N ASP B 62 24.93 13.04 5.16
CA ASP B 62 24.98 11.64 4.83
C ASP B 62 26.40 11.13 5.13
N GLY B 63 27.03 11.81 6.08
CA GLY B 63 28.36 11.47 6.53
C GLY B 63 28.31 11.31 8.04
N LEU B 64 29.41 11.62 8.72
CA LEU B 64 29.46 11.52 10.17
C LEU B 64 30.11 12.76 10.75
N ALA B 65 29.92 12.91 12.06
CA ALA B 65 30.49 14.00 12.83
C ALA B 65 31.01 13.36 14.10
N SER B 66 32.23 13.68 14.49
CA SER B 66 32.77 13.08 15.69
C SER B 66 33.49 14.03 16.62
N TRP B 67 33.25 13.83 17.91
CA TRP B 67 33.88 14.64 18.93
C TRP B 67 35.17 13.99 19.40
N SER B 68 35.35 12.72 19.11
CA SER B 68 36.59 12.05 19.52
C SER B 68 37.61 11.98 18.40
N PRO B 69 38.90 12.01 18.77
CA PRO B 69 40.04 11.96 17.84
C PRO B 69 39.89 10.91 16.76
N PRO B 70 40.37 11.21 15.55
CA PRO B 70 40.31 10.32 14.39
C PRO B 70 40.90 8.93 14.64
N GLU B 71 42.01 8.89 15.35
CA GLU B 71 42.70 7.63 15.64
C GLU B 71 42.01 6.71 16.65
N VAL B 72 40.77 7.03 17.01
CA VAL B 72 40.05 6.21 17.98
C VAL B 72 38.87 5.52 17.33
N LEU B 73 38.50 5.98 16.14
CA LEU B 73 37.35 5.41 15.47
C LEU B 73 37.72 4.18 14.63
N VAL B 74 36.80 3.21 14.57
CA VAL B 74 37.00 2.04 13.73
C VAL B 74 36.56 2.43 12.32
N LEU B 75 37.54 2.78 11.48
CA LEU B 75 37.31 3.21 10.10
C LEU B 75 36.85 2.15 9.08
N GLU B 76 36.77 0.88 9.46
CA GLU B 76 36.33 -0.16 8.53
C GLU B 76 35.59 -1.30 9.22
N GLY B 77 34.82 -2.03 8.44
CA GLY B 77 34.11 -3.15 9.02
C GLY B 77 32.81 -3.45 8.32
N THR B 78 31.93 -4.18 8.98
CA THR B 78 30.65 -4.47 8.40
C THR B 78 29.57 -4.31 9.47
N LEU B 79 28.32 -4.19 9.02
CA LEU B 79 27.19 -4.08 9.94
C LEU B 79 26.03 -4.87 9.33
N ALA B 80 25.24 -5.53 10.17
CA ALA B 80 24.11 -6.29 9.66
C ALA B 80 22.85 -5.55 10.08
N ARG B 81 21.89 -5.43 9.16
CA ARG B 81 20.63 -4.74 9.43
C ARG B 81 19.50 -5.49 8.72
N MET B 82 18.52 -5.94 9.50
CA MET B 82 17.41 -6.72 8.98
C MET B 82 17.91 -7.94 8.20
N GLY B 83 18.95 -8.59 8.73
CA GLY B 83 19.52 -9.77 8.09
C GLY B 83 20.50 -9.52 6.96
N GLN B 84 20.52 -8.29 6.45
CA GLN B 84 21.44 -7.97 5.36
C GLN B 84 22.70 -7.37 5.92
N THR B 85 23.81 -7.57 5.24
CA THR B 85 25.07 -7.07 5.75
C THR B 85 25.79 -6.15 4.78
N TYR B 86 26.26 -5.01 5.29
CA TYR B 86 26.96 -4.02 4.47
C TYR B 86 28.36 -3.76 4.98
N ALA B 87 29.25 -3.47 4.04
CA ALA B 87 30.62 -3.16 4.39
C ALA B 87 30.71 -1.64 4.37
N TYR B 88 31.33 -1.06 5.38
CA TYR B 88 31.46 0.38 5.40
C TYR B 88 32.91 0.77 5.47
N ARG B 89 33.16 2.02 5.13
CA ARG B 89 34.48 2.59 5.16
C ARG B 89 34.35 4.09 5.38
N LEU B 90 35.07 4.59 6.38
CA LEU B 90 35.04 6.01 6.70
C LEU B 90 36.23 6.71 6.09
N TYR B 91 36.06 7.98 5.74
CA TYR B 91 37.11 8.78 5.16
C TYR B 91 37.19 10.12 5.87
N PRO B 92 38.26 10.36 6.63
CA PRO B 92 38.40 11.63 7.33
C PRO B 92 38.55 12.82 6.37
N LYS B 93 38.08 13.98 6.80
CA LYS B 93 38.17 15.18 5.96
C LYS B 93 38.39 16.44 6.77
N GLY B 94 38.86 16.29 8.02
CA GLY B 94 39.11 17.44 8.86
C GLY B 94 37.92 18.16 9.46
N ARG B 95 38.14 18.76 10.63
CA ARG B 95 37.12 19.49 11.36
C ARG B 95 36.22 20.35 10.49
N ARG B 96 34.97 20.49 10.92
CA ARG B 96 34.00 21.35 10.25
C ARG B 96 33.26 22.07 11.37
N PRO B 97 33.07 23.39 11.22
CA PRO B 97 32.35 24.16 12.24
C PRO B 97 30.82 24.11 12.10
N LEU B 98 30.15 24.14 13.24
CA LEU B 98 28.69 24.10 13.27
C LEU B 98 28.17 25.20 14.19
N ASP B 99 27.08 25.84 13.78
CA ASP B 99 26.50 26.89 14.59
C ASP B 99 25.37 26.45 15.47
N PRO B 100 25.50 26.76 16.74
CA PRO B 100 24.45 26.35 17.64
C PRO B 100 23.26 27.12 17.37
N LYS B 101 23.16 27.72 16.24
CA LYS B 101 21.99 28.52 16.23
C LYS B 101 21.05 28.35 15.11
N ASP B 102 21.41 27.38 14.33
CA ASP B 102 20.85 27.05 13.07
C ASP B 102 20.25 25.66 13.15
N PRO B 103 19.09 25.55 13.84
CA PRO B 103 18.48 24.21 13.99
C PRO B 103 19.20 23.03 13.36
N GLY B 104 19.43 23.02 12.06
CA GLY B 104 20.12 21.85 11.54
C GLY B 104 21.43 21.45 12.23
N GLU B 105 22.38 22.36 12.21
CA GLU B 105 23.71 22.11 12.74
C GLU B 105 23.69 21.82 14.19
N ARG B 106 22.67 22.31 14.81
CA ARG B 106 22.69 22.08 16.17
C ARG B 106 22.02 20.76 16.56
N SER B 107 21.38 20.14 15.58
CA SER B 107 20.77 18.86 15.79
C SER B 107 21.94 17.91 16.00
N VAL B 108 23.01 18.21 15.28
CA VAL B 108 24.21 17.40 15.32
C VAL B 108 24.92 17.55 16.66
N LEU B 109 25.08 18.80 17.07
CA LEU B 109 25.74 19.08 18.33
C LEU B 109 25.00 18.42 19.46
N SER B 110 23.68 18.46 19.40
CA SER B 110 22.93 17.82 20.46
C SER B 110 23.08 16.33 20.39
N ALA B 111 23.12 15.80 19.17
CA ALA B 111 23.27 14.36 18.99
C ALA B 111 24.61 13.98 19.60
N LEU B 112 25.63 14.77 19.27
CA LEU B 112 26.98 14.58 19.81
C LEU B 112 26.89 14.65 21.34
N ALA B 113 26.35 15.77 21.82
CA ALA B 113 26.17 15.98 23.25
C ALA B 113 25.55 14.75 23.90
N ARG B 114 24.51 14.25 23.26
CA ARG B 114 23.76 13.10 23.77
C ARG B 114 24.51 11.79 23.75
N ARG B 115 25.35 11.59 22.74
CA ARG B 115 26.12 10.36 22.63
C ARG B 115 27.17 10.41 23.76
N LEU B 116 27.75 11.59 23.94
CA LEU B 116 28.76 11.81 24.96
C LEU B 116 28.24 11.37 26.31
N LEU B 117 27.11 11.92 26.73
CA LEU B 117 26.54 11.54 28.00
C LEU B 117 26.58 10.01 28.15
N GLN B 118 26.11 9.29 27.14
CA GLN B 118 26.13 7.82 27.21
C GLN B 118 27.54 7.29 27.39
N GLU B 119 28.49 7.85 26.65
CA GLU B 119 29.87 7.42 26.76
C GLU B 119 30.37 7.70 28.18
N ARG B 120 30.01 8.85 28.75
CA ARG B 120 30.43 9.17 30.11
C ARG B 120 29.66 8.33 31.13
N LEU B 121 28.41 8.04 30.82
CA LEU B 121 27.56 7.26 31.70
C LEU B 121 28.03 5.81 31.84
N ARG B 122 28.81 5.33 30.87
CA ARG B 122 29.31 3.95 30.90
C ARG B 122 30.32 3.78 32.05
N ARG B 123 31.35 4.63 32.04
CA ARG B 123 32.42 4.60 33.02
C ARG B 123 31.95 4.60 34.48
N LEU B 124 30.87 5.33 34.76
CA LEU B 124 30.33 5.38 36.12
C LEU B 124 30.10 3.94 36.56
N GLU B 125 30.52 3.61 37.78
CA GLU B 125 30.36 2.24 38.27
C GLU B 125 29.51 2.12 39.53
N GLY B 126 29.25 0.88 39.93
CA GLY B 126 28.46 0.62 41.12
C GLY B 126 27.01 0.97 40.85
N VAL B 127 26.71 1.20 39.58
CA VAL B 127 25.37 1.56 39.14
C VAL B 127 25.16 1.06 37.72
N TRP B 128 23.96 0.59 37.40
CA TRP B 128 23.73 0.14 36.05
C TRP B 128 22.95 1.15 35.22
N VAL B 129 23.38 1.29 33.97
CA VAL B 129 22.78 2.25 33.05
C VAL B 129 22.22 1.65 31.77
N GLU B 130 20.92 1.78 31.56
CA GLU B 130 20.30 1.26 30.35
C GLU B 130 19.96 2.40 29.38
N GLY B 131 20.89 2.67 28.46
CA GLY B 131 20.69 3.71 27.48
C GLY B 131 21.08 5.06 28.05
N LEU B 132 20.09 5.77 28.57
CA LEU B 132 20.33 7.08 29.15
C LEU B 132 19.77 7.09 30.57
N ALA B 133 19.12 5.99 30.95
CA ALA B 133 18.52 5.86 32.28
C ALA B 133 19.51 5.26 33.27
N VAL B 134 19.97 6.08 34.22
CA VAL B 134 20.91 5.60 35.23
C VAL B 134 20.10 5.19 36.44
N TYR B 135 20.69 4.39 37.32
CA TYR B 135 20.01 3.92 38.52
C TYR B 135 20.93 3.77 39.72
N ARG B 136 20.67 4.56 40.75
CA ARG B 136 21.47 4.53 41.97
C ARG B 136 20.92 3.53 43.00
N ARG B 137 20.03 4.01 43.88
CA ARG B 137 19.44 3.19 44.94
C ARG B 137 18.44 2.13 44.47
N GLU B 138 18.53 0.94 45.06
CA GLU B 138 17.62 -0.15 44.72
C GLU B 138 16.37 0.03 45.58
N HIS B 139 15.21 0.09 44.94
CA HIS B 139 13.95 0.30 45.66
C HIS B 139 13.29 -0.94 46.25
N ALA B 140 13.67 -2.12 45.74
CA ALA B 140 13.11 -3.37 46.25
C ALA B 140 14.05 -4.53 45.95
N ARG B 141 13.54 -5.75 46.13
CA ARG B 141 14.31 -6.96 45.94
C ARG B 141 13.33 -8.11 46.13
N GLY B 142 13.32 -9.08 45.23
CA GLY B 142 12.41 -10.19 45.39
C GLY B 142 12.85 -11.36 44.54
N PRO B 143 12.08 -12.45 44.51
CA PRO B 143 12.47 -13.60 43.70
C PRO B 143 12.21 -13.30 42.23
N GLY B 144 13.11 -12.51 41.65
CA GLY B 144 12.98 -12.13 40.25
C GLY B 144 12.88 -10.63 40.01
N TRP B 145 12.15 -9.92 40.86
CA TRP B 145 11.98 -8.47 40.69
C TRP B 145 12.85 -7.68 41.64
N ARG B 146 13.42 -6.62 41.11
CA ARG B 146 14.33 -5.82 41.87
C ARG B 146 14.30 -4.41 41.36
N VAL B 147 13.16 -3.79 41.66
CA VAL B 147 12.87 -2.43 41.29
C VAL B 147 13.96 -1.48 41.73
N LEU B 148 14.69 -0.92 40.76
CA LEU B 148 15.76 0.01 41.07
C LEU B 148 15.25 1.45 40.95
N GLY B 149 15.97 2.37 41.58
CA GLY B 149 15.58 3.76 41.53
C GLY B 149 16.62 4.61 40.83
N GLY B 150 16.15 5.52 39.99
CA GLY B 150 17.06 6.40 39.26
C GLY B 150 16.30 7.46 38.50
N ALA B 151 16.88 7.89 37.39
CA ALA B 151 16.26 8.92 36.57
C ALA B 151 16.68 8.80 35.11
N VAL B 152 15.79 9.21 34.22
CA VAL B 152 16.07 9.20 32.78
C VAL B 152 16.78 10.51 32.50
N LEU B 153 17.90 10.43 31.81
CA LEU B 153 18.65 11.63 31.50
C LEU B 153 18.66 11.96 30.02
N ASP B 154 19.23 13.10 29.67
CA ASP B 154 19.34 13.55 28.30
C ASP B 154 20.23 14.77 28.31
N LEU B 155 21.04 14.92 27.27
CA LEU B 155 21.93 16.03 27.19
C LEU B 155 21.89 16.57 25.76
N TRP B 156 21.89 17.88 25.61
CA TRP B 156 21.86 18.49 24.28
C TRP B 156 22.51 19.86 24.30
N VAL B 157 22.31 20.64 23.25
CA VAL B 157 22.91 21.96 23.18
C VAL B 157 21.85 23.05 23.06
N SER B 158 22.11 24.20 23.71
CA SER B 158 21.19 25.33 23.69
C SER B 158 21.58 26.27 22.55
N ASP B 159 20.70 27.21 22.20
CA ASP B 159 21.03 28.15 21.12
C ASP B 159 22.21 29.02 21.54
N SER B 160 22.48 29.09 22.85
CA SER B 160 23.60 29.87 23.37
C SER B 160 24.86 29.20 22.87
N GLY B 161 24.87 27.87 22.93
CA GLY B 161 26.02 27.10 22.49
C GLY B 161 26.61 26.40 23.69
N ALA B 162 25.78 26.11 24.66
CA ALA B 162 26.26 25.44 25.87
C ALA B 162 25.47 24.17 26.12
N PHE B 163 25.96 23.37 27.07
CA PHE B 163 25.32 22.12 27.41
C PHE B 163 24.06 22.37 28.18
N LEU B 164 23.17 21.39 28.17
CA LEU B 164 21.89 21.51 28.85
C LEU B 164 21.48 20.11 29.29
N LEU B 165 21.38 19.92 30.60
CA LEU B 165 21.05 18.62 31.12
C LEU B 165 19.61 18.48 31.55
N GLU B 166 18.99 17.38 31.17
CA GLU B 166 17.61 17.16 31.57
C GLU B 166 17.65 15.99 32.55
N VAL B 167 16.88 16.10 33.63
CA VAL B 167 16.84 15.05 34.65
C VAL B 167 15.41 14.81 35.14
N ASP B 168 15.03 13.55 35.28
CA ASP B 168 13.68 13.24 35.77
C ASP B 168 13.56 11.88 36.44
N PRO B 169 13.39 11.87 37.78
CA PRO B 169 13.24 10.66 38.61
C PRO B 169 12.43 9.54 37.95
N ALA B 170 12.95 8.31 38.00
CA ALA B 170 12.26 7.16 37.40
C ALA B 170 12.48 5.80 38.11
N TYR B 171 11.64 4.84 37.73
CA TYR B 171 11.65 3.49 38.27
C TYR B 171 12.28 2.53 37.25
N ARG B 172 12.09 1.23 37.46
CA ARG B 172 12.51 0.15 36.54
C ARG B 172 12.28 -1.26 37.09
N ILE B 173 11.16 -1.84 36.69
CA ILE B 173 10.84 -3.19 37.13
C ILE B 173 11.72 -4.17 36.37
N LEU B 174 12.76 -4.66 37.04
CA LEU B 174 13.69 -5.59 36.41
C LEU B 174 13.39 -7.04 36.76
N CYS B 175 13.39 -7.90 35.74
CA CYS B 175 13.12 -9.31 35.92
C CYS B 175 14.38 -10.12 35.59
N GLU B 176 14.97 -10.73 36.62
CA GLU B 176 16.18 -11.53 36.46
C GLU B 176 15.81 -13.01 36.38
N MET B 177 14.53 -13.30 36.20
CA MET B 177 14.04 -14.68 36.14
C MET B 177 14.14 -15.41 34.81
N SER B 178 13.67 -14.76 33.73
CA SER B 178 13.66 -15.34 32.38
C SER B 178 12.26 -15.90 32.18
N LEU B 179 11.61 -15.49 31.10
CA LEU B 179 10.24 -15.91 30.78
C LEU B 179 9.88 -17.33 31.20
N GLU B 180 10.41 -18.33 30.49
CA GLU B 180 10.10 -19.73 30.78
C GLU B 180 10.13 -20.02 32.28
N ALA B 181 11.21 -19.63 32.94
CA ALA B 181 11.36 -19.85 34.38
C ALA B 181 10.27 -19.12 35.16
N TRP B 182 10.19 -17.81 34.97
CA TRP B 182 9.18 -17.01 35.65
C TRP B 182 7.77 -17.53 35.33
N LEU B 183 7.54 -17.91 34.09
CA LEU B 183 6.25 -18.46 33.71
C LEU B 183 6.23 -19.86 34.30
N ALA B 184 7.42 -20.30 34.71
CA ALA B 184 7.62 -21.64 35.30
C ALA B 184 7.28 -21.78 36.77
N GLN B 185 7.93 -21.07 37.71
CA GLN B 185 7.40 -21.28 39.04
C GLN B 185 6.07 -20.49 38.98
N GLY B 186 5.44 -20.52 37.79
CA GLY B 186 4.15 -19.90 37.48
C GLY B 186 3.58 -18.52 37.81
N HIS B 187 3.33 -17.71 36.77
CA HIS B 187 2.67 -16.39 36.84
C HIS B 187 1.88 -16.29 35.53
N PRO B 188 0.99 -15.32 35.41
CA PRO B 188 0.21 -15.16 34.18
C PRO B 188 1.02 -14.42 33.11
N LEU B 189 1.19 -15.04 31.95
CA LEU B 189 1.96 -14.43 30.86
C LEU B 189 1.59 -12.95 30.72
N PRO B 190 2.61 -12.10 30.55
CA PRO B 190 2.44 -10.64 30.40
C PRO B 190 1.94 -10.19 29.03
N LYS B 191 1.81 -8.88 28.87
CA LYS B 191 1.37 -8.30 27.61
C LYS B 191 2.57 -7.98 26.72
N ARG B 192 3.64 -7.46 27.33
CA ARG B 192 4.86 -7.12 26.60
C ARG B 192 6.05 -7.90 27.16
N VAL B 193 6.85 -8.46 26.26
CA VAL B 193 8.02 -9.23 26.63
C VAL B 193 9.27 -8.60 26.03
N ARG B 194 10.42 -9.13 26.40
CA ARG B 194 11.70 -8.64 25.88
C ARG B 194 12.58 -9.87 25.62
N ASN B 195 13.64 -9.70 24.83
CA ASN B 195 14.52 -10.82 24.53
C ASN B 195 15.60 -10.95 25.61
N ALA B 196 16.61 -11.78 25.35
CA ALA B 196 17.69 -11.97 26.33
C ALA B 196 19.02 -11.49 25.79
N TYR B 197 19.17 -11.53 24.46
CA TYR B 197 20.40 -11.11 23.81
C TYR B 197 20.57 -9.60 23.60
N ASP B 198 19.49 -8.83 23.73
CA ASP B 198 19.59 -7.37 23.57
C ASP B 198 18.52 -6.53 24.28
N ARG B 199 18.22 -5.36 23.74
CA ARG B 199 17.25 -4.46 24.36
C ARG B 199 15.90 -4.26 23.63
N ARG B 200 15.74 -4.93 22.50
CA ARG B 200 14.49 -4.85 21.71
C ARG B 200 13.30 -5.54 22.39
N THR B 201 12.24 -4.79 22.61
CA THR B 201 11.06 -5.34 23.26
C THR B 201 9.92 -5.71 22.30
N TRP B 202 9.14 -6.72 22.68
CA TRP B 202 8.00 -7.16 21.86
C TRP B 202 6.74 -7.28 22.70
N GLU B 203 5.62 -7.54 22.04
CA GLU B 203 4.35 -7.72 22.71
C GLU B 203 4.05 -9.21 22.63
N LEU B 204 3.80 -9.85 23.77
CA LEU B 204 3.52 -11.29 23.82
C LEU B 204 2.09 -11.53 23.31
N LEU B 205 1.97 -12.31 22.25
CA LEU B 205 0.67 -12.59 21.64
C LEU B 205 -0.04 -13.84 22.16
N ARG B 206 0.73 -14.85 22.52
CA ARG B 206 0.14 -16.05 23.09
C ARG B 206 1.22 -17.07 23.16
N LEU B 207 0.90 -18.29 23.51
CA LEU B 207 2.03 -19.12 23.64
C LEU B 207 2.14 -20.33 22.71
N GLY B 208 3.37 -20.58 22.28
CA GLY B 208 3.68 -21.65 21.34
C GLY B 208 3.23 -23.09 21.51
N GLU B 209 2.15 -23.46 20.82
CA GLU B 209 1.63 -24.82 20.87
C GLU B 209 2.37 -25.75 19.91
N GLU B 210 3.48 -25.28 19.34
CA GLU B 210 4.25 -26.08 18.38
C GLU B 210 5.65 -26.52 18.79
N ASP B 211 6.32 -27.24 17.89
CA ASP B 211 7.66 -27.75 18.15
C ASP B 211 8.71 -26.80 17.60
N PRO B 212 9.51 -26.19 18.49
CA PRO B 212 10.58 -25.25 18.15
C PRO B 212 11.84 -25.90 17.59
N LYS B 213 11.69 -26.58 16.46
CA LYS B 213 12.79 -27.22 15.77
C LYS B 213 12.23 -27.86 14.52
N GLU B 214 10.91 -27.89 14.46
CA GLU B 214 10.20 -28.42 13.31
C GLU B 214 9.35 -27.26 12.78
N LEU B 215 9.34 -26.15 13.54
CA LEU B 215 8.61 -24.95 13.14
C LEU B 215 9.57 -24.16 12.28
N PRO B 216 9.27 -24.07 10.98
CA PRO B 216 10.16 -23.34 10.07
C PRO B 216 9.78 -21.89 9.78
N LEU B 217 10.81 -21.02 9.70
CA LEU B 217 10.61 -19.61 9.37
C LEU B 217 10.40 -19.56 7.85
N PRO B 218 10.11 -18.37 7.29
CA PRO B 218 9.89 -18.23 5.85
C PRO B 218 10.94 -18.91 4.99
N GLY B 219 12.21 -18.60 5.22
CA GLY B 219 13.23 -19.26 4.42
C GLY B 219 13.02 -20.77 4.42
N GLY B 220 12.58 -21.30 5.56
CA GLY B 220 12.37 -22.72 5.70
C GLY B 220 13.23 -23.17 6.87
N LEU B 221 14.01 -22.23 7.38
CA LEU B 221 14.91 -22.47 8.51
C LEU B 221 14.06 -22.66 9.75
N SER B 222 14.49 -23.55 10.63
CA SER B 222 13.76 -23.80 11.87
C SER B 222 13.94 -22.68 12.88
N LEU B 223 12.89 -22.43 13.65
CA LEU B 223 12.93 -21.39 14.67
C LEU B 223 14.12 -21.59 15.60
N LEU B 224 14.43 -22.85 15.91
CA LEU B 224 15.55 -23.16 16.81
C LEU B 224 16.89 -22.95 16.12
N ASP B 225 17.04 -23.46 14.91
CA ASP B 225 18.30 -23.29 14.19
C ASP B 225 18.64 -21.81 14.00
N TYR B 226 17.62 -21.00 13.72
CA TYR B 226 17.81 -19.56 13.52
C TYR B 226 18.64 -18.99 14.66
N HIS B 227 18.17 -19.21 15.90
CA HIS B 227 18.87 -18.70 17.09
C HIS B 227 20.12 -19.52 17.46
N ALA B 228 20.05 -20.83 17.29
CA ALA B 228 21.18 -21.68 17.63
C ALA B 228 22.46 -21.27 16.90
N SER B 229 22.34 -21.04 15.60
CA SER B 229 23.50 -20.69 14.78
C SER B 229 24.01 -19.27 14.96
N LYS B 230 23.63 -18.62 16.05
CA LYS B 230 24.10 -17.27 16.32
C LYS B 230 24.90 -17.22 17.60
N GLY B 231 24.73 -18.24 18.44
CA GLY B 231 25.43 -18.31 19.71
C GLY B 231 24.50 -18.10 20.88
N ARG B 232 23.24 -17.77 20.58
CA ARG B 232 22.21 -17.52 21.59
C ARG B 232 21.66 -18.79 22.24
N LEU B 233 22.08 -19.93 21.73
CA LEU B 233 21.63 -21.20 22.26
C LEU B 233 22.84 -21.94 22.82
N GLN B 234 23.78 -21.23 23.43
CA GLN B 234 24.92 -21.96 23.96
C GLN B 234 24.54 -22.59 25.30
N GLY B 235 23.66 -23.57 25.20
CA GLY B 235 23.19 -24.26 26.38
C GLY B 235 22.40 -23.33 27.27
N ARG B 236 21.62 -22.45 26.67
CA ARG B 236 20.79 -21.52 27.41
C ARG B 236 19.41 -22.16 27.23
N GLU B 237 19.35 -23.49 27.09
CA GLU B 237 18.09 -24.14 26.71
C GLU B 237 16.75 -23.49 26.80
N GLY B 238 16.43 -22.59 27.74
CA GLY B 238 15.08 -22.03 27.67
C GLY B 238 14.62 -22.39 26.26
N GLY B 239 13.64 -23.29 26.15
CA GLY B 239 13.21 -23.72 24.84
C GLY B 239 11.74 -23.98 24.64
N ARG B 240 10.88 -23.20 25.28
CA ARG B 240 9.46 -23.37 25.07
C ARG B 240 9.14 -22.37 23.96
N VAL B 241 8.17 -22.68 23.11
CA VAL B 241 7.80 -21.79 22.02
C VAL B 241 6.78 -20.75 22.45
N ALA B 242 6.98 -19.52 21.98
CA ALA B 242 6.08 -18.42 22.31
C ALA B 242 5.85 -17.54 21.08
N TRP B 243 4.60 -17.28 20.75
CA TRP B 243 4.28 -16.44 19.60
C TRP B 243 4.26 -14.99 20.00
N VAL B 244 5.23 -14.23 19.49
CA VAL B 244 5.32 -12.82 19.81
C VAL B 244 4.97 -11.94 18.60
N ALA B 245 4.87 -10.63 18.83
CA ALA B 245 4.55 -9.67 17.78
C ALA B 245 5.32 -8.37 18.00
N ASP B 246 5.60 -7.66 16.92
CA ASP B 246 6.35 -6.41 16.99
C ASP B 246 5.48 -5.27 17.51
N PRO B 247 6.07 -4.35 18.32
CA PRO B 247 5.30 -3.22 18.84
C PRO B 247 4.61 -2.48 17.68
N LYS B 248 5.29 -2.48 16.54
CA LYS B 248 4.74 -1.85 15.33
C LYS B 248 3.99 -2.95 14.56
N ASP B 249 2.85 -2.60 13.97
CA ASP B 249 2.00 -3.52 13.19
C ASP B 249 1.74 -4.90 13.84
N PRO B 250 0.92 -4.93 14.89
CA PRO B 250 0.63 -6.20 15.58
C PRO B 250 -0.11 -7.40 15.03
N ARG B 251 -0.77 -7.46 13.88
CA ARG B 251 -1.26 -8.82 13.71
C ARG B 251 -0.11 -9.58 13.17
N LYS B 252 0.47 -9.18 12.04
CA LYS B 252 1.63 -9.92 11.52
C LYS B 252 2.30 -10.38 12.80
N PRO B 253 2.13 -11.67 13.14
CA PRO B 253 2.73 -12.21 14.35
C PRO B 253 4.00 -12.96 14.01
N ILE B 254 5.00 -12.88 14.87
CA ILE B 254 6.24 -13.59 14.59
C ILE B 254 6.65 -14.52 15.74
N PRO B 255 7.14 -15.72 15.40
CA PRO B 255 7.58 -16.72 16.37
C PRO B 255 8.82 -16.36 17.15
N HIS B 256 8.88 -16.84 18.38
CA HIS B 256 10.03 -16.61 19.26
C HIS B 256 10.18 -17.73 20.29
N LEU B 257 11.03 -17.51 21.28
CA LEU B 257 11.27 -18.51 22.30
C LEU B 257 11.21 -17.98 23.73
N THR B 258 10.24 -18.48 24.51
CA THR B 258 10.09 -18.06 25.90
C THR B 258 11.41 -18.22 26.66
N GLY B 259 12.13 -19.28 26.35
CA GLY B 259 13.41 -19.50 27.00
C GLY B 259 14.50 -18.53 26.57
N LEU B 260 14.17 -17.68 25.61
CA LEU B 260 15.12 -16.67 25.13
C LEU B 260 14.44 -15.31 25.22
N LEU B 261 13.52 -15.21 26.17
CA LEU B 261 12.79 -13.98 26.42
C LEU B 261 12.89 -13.60 27.89
N VAL B 262 12.23 -12.50 28.27
CA VAL B 262 12.21 -12.00 29.63
C VAL B 262 10.97 -11.09 29.72
N PRO B 263 10.08 -11.35 30.68
CA PRO B 263 8.87 -10.52 30.80
C PRO B 263 9.18 -9.07 31.13
N VAL B 264 8.14 -8.26 31.23
CA VAL B 264 8.29 -6.85 31.55
C VAL B 264 8.54 -6.64 33.06
N GLY B 275 3.86 -7.40 47.55
CA GLY B 275 3.03 -6.28 47.20
C GLY B 275 2.95 -5.21 48.27
N SER B 276 3.95 -4.36 48.23
CA SER B 276 4.21 -3.26 49.15
C SER B 276 4.59 -2.22 48.07
N LEU B 277 4.64 -0.89 48.35
CA LEU B 277 4.50 0.02 47.21
C LEU B 277 5.03 1.34 46.71
N ALA B 278 6.25 1.63 46.32
CA ALA B 278 6.36 3.08 46.07
C ALA B 278 5.76 3.80 44.85
N LEU B 279 4.57 3.38 44.38
CA LEU B 279 4.00 3.95 43.17
C LEU B 279 4.67 5.22 42.66
N SER B 280 4.46 6.37 43.30
CA SER B 280 5.06 7.57 42.79
C SER B 280 4.94 8.70 43.80
N LEU B 281 6.02 9.44 43.96
CA LEU B 281 6.08 10.54 44.91
C LEU B 281 5.37 11.78 44.39
N PRO B 282 5.13 12.76 45.28
CA PRO B 282 4.47 14.03 44.97
C PRO B 282 5.30 14.93 44.05
N TRP B 283 4.88 16.17 43.96
CA TRP B 283 5.54 17.19 43.14
C TRP B 283 6.80 17.68 43.85
N GLU B 284 6.61 18.21 45.07
CA GLU B 284 7.71 18.74 45.87
C GLU B 284 8.81 17.71 46.07
N GLU B 285 8.42 16.46 46.28
CA GLU B 285 9.40 15.40 46.49
C GLU B 285 10.20 15.12 45.22
N ARG B 286 9.51 15.07 44.07
CA ARG B 286 10.17 14.81 42.80
C ARG B 286 11.08 15.94 42.35
N ARG B 287 10.67 17.18 42.55
CA ARG B 287 11.49 18.31 42.13
C ARG B 287 12.74 18.45 43.00
N ARG B 288 12.72 17.77 44.15
CA ARG B 288 13.84 17.80 45.08
C ARG B 288 14.77 16.66 44.67
N ARG B 289 14.20 15.47 44.48
CA ARG B 289 14.96 14.32 44.08
C ARG B 289 15.64 14.58 42.73
N THR B 290 15.05 15.45 41.92
CA THR B 290 15.60 15.79 40.62
C THR B 290 16.76 16.76 40.77
N ARG B 291 16.59 17.78 41.60
CA ARG B 291 17.62 18.78 41.82
C ARG B 291 18.84 18.13 42.42
N GLU B 292 18.63 16.95 43.01
CA GLU B 292 19.71 16.19 43.62
C GLU B 292 20.59 15.55 42.56
N ILE B 293 20.01 14.61 41.80
CA ILE B 293 20.75 13.92 40.76
C ILE B 293 21.49 14.90 39.86
N ALA B 294 20.94 16.08 39.65
CA ALA B 294 21.60 17.08 38.81
C ALA B 294 22.95 17.43 39.42
N SER B 295 23.03 17.37 40.75
CA SER B 295 24.27 17.63 41.47
C SER B 295 25.15 16.39 41.42
N TRP B 296 24.53 15.23 41.67
CA TRP B 296 25.25 13.97 41.64
C TRP B 296 25.81 13.63 40.26
N ILE B 297 24.98 13.74 39.24
CA ILE B 297 25.42 13.43 37.88
C ILE B 297 26.36 14.48 37.34
N GLY B 298 26.27 15.69 37.88
CA GLY B 298 27.15 16.76 37.45
C GLY B 298 28.57 16.44 37.91
N ARG B 299 28.69 15.36 38.68
CA ARG B 299 29.97 14.89 39.23
C ARG B 299 30.82 14.20 38.16
N ARG B 300 30.29 13.14 37.56
CA ARG B 300 31.02 12.39 36.56
C ARG B 300 30.95 13.03 35.19
N LEU B 301 30.16 14.10 35.10
CA LEU B 301 30.01 14.80 33.83
C LEU B 301 31.14 15.79 33.56
N GLY B 302 31.61 16.45 34.61
CA GLY B 302 32.70 17.39 34.46
C GLY B 302 32.43 18.41 33.37
N LEU B 303 31.21 18.93 33.34
CA LEU B 303 30.85 19.92 32.36
C LEU B 303 30.29 21.13 33.09
N GLY B 304 31.10 21.63 34.02
CA GLY B 304 30.69 22.78 34.80
C GLY B 304 29.77 22.41 35.94
N THR B 305 29.17 23.44 36.54
CA THR B 305 28.25 23.23 37.66
C THR B 305 26.82 23.51 37.23
N PRO B 306 25.92 22.54 37.41
CA PRO B 306 24.50 22.64 37.05
C PRO B 306 23.84 23.95 37.51
N GLU B 307 22.93 24.46 36.70
CA GLU B 307 22.20 25.69 36.98
C GLU B 307 20.74 25.51 36.60
N ALA B 308 19.86 25.41 37.59
CA ALA B 308 18.44 25.24 37.33
C ALA B 308 17.97 26.31 36.35
N VAL B 309 17.21 25.89 35.34
CA VAL B 309 16.71 26.80 34.32
C VAL B 309 15.35 27.39 34.67
N ARG B 310 15.27 28.72 34.63
CA ARG B 310 14.02 29.41 34.90
C ARG B 310 13.43 29.77 33.55
N ALA B 311 12.11 29.62 33.43
CA ALA B 311 11.45 29.92 32.18
C ALA B 311 10.18 30.74 32.45
N GLN B 312 9.99 31.77 31.64
CA GLN B 312 8.84 32.64 31.78
C GLN B 312 7.60 31.96 31.23
N ALA B 313 6.67 31.62 32.12
CA ALA B 313 5.42 30.96 31.73
C ALA B 313 4.25 31.94 31.75
N TYR B 314 3.39 31.84 30.74
CA TYR B 314 2.24 32.74 30.65
C TYR B 314 0.94 32.08 31.06
N ARG B 315 0.08 32.87 31.72
CA ARG B 315 -1.21 32.38 32.19
C ARG B 315 -2.26 32.35 31.07
N LEU B 316 -2.77 31.16 30.76
CA LEU B 316 -3.78 31.06 29.72
C LEU B 316 -5.17 31.26 30.31
N SER B 317 -6.03 31.87 29.52
CA SER B 317 -7.41 32.16 29.88
C SER B 317 -8.33 30.93 29.93
N ILE B 318 -9.10 30.79 31.01
CA ILE B 318 -10.04 29.66 31.14
C ILE B 318 -11.28 30.02 30.31
N PRO B 319 -11.61 29.15 29.34
CA PRO B 319 -12.74 29.32 28.45
C PRO B 319 -14.12 29.14 29.03
N LYS B 320 -15.03 29.89 28.44
CA LYS B 320 -16.40 29.83 28.85
C LYS B 320 -17.15 28.82 28.02
N LEU B 321 -17.67 27.82 28.70
CA LEU B 321 -18.43 26.76 28.06
C LEU B 321 -19.91 27.02 28.35
N MET B 322 -20.76 26.67 27.38
CA MET B 322 -22.18 26.86 27.55
C MET B 322 -23.00 25.67 27.08
N GLY B 323 -23.78 25.13 28.00
CA GLY B 323 -24.69 24.04 27.69
C GLY B 323 -25.96 24.86 27.63
N ARG B 324 -26.96 24.55 28.43
CA ARG B 324 -28.16 25.38 28.43
C ARG B 324 -27.83 26.51 29.41
N ARG B 325 -27.16 26.12 30.49
CA ARG B 325 -26.70 27.04 31.51
C ARG B 325 -25.16 26.96 31.47
N ALA B 326 -24.48 27.90 32.09
CA ALA B 326 -23.02 27.87 32.14
C ALA B 326 -22.59 26.50 32.69
N VAL B 327 -21.41 26.05 32.30
CA VAL B 327 -20.93 24.77 32.74
C VAL B 327 -19.40 24.77 32.79
N SER B 328 -18.83 24.05 33.74
CA SER B 328 -17.38 24.03 33.87
C SER B 328 -16.68 23.01 33.00
N LYS B 329 -17.36 21.92 32.69
CA LYS B 329 -16.78 20.89 31.82
C LYS B 329 -17.87 20.42 30.86
N PRO B 330 -17.49 19.88 29.69
CA PRO B 330 -18.53 19.43 28.76
C PRO B 330 -19.41 18.36 29.36
N ALA B 331 -18.80 17.50 30.17
CA ALA B 331 -19.50 16.38 30.81
C ALA B 331 -20.76 16.78 31.59
N ASP B 332 -20.65 17.87 32.35
CA ASP B 332 -21.78 18.35 33.14
C ASP B 332 -22.95 18.83 32.30
N ALA B 333 -22.81 18.77 30.98
CA ALA B 333 -23.88 19.21 30.10
C ALA B 333 -24.86 18.05 29.98
N LEU B 334 -24.42 16.88 30.43
CA LEU B 334 -25.26 15.69 30.42
C LEU B 334 -26.23 15.65 31.62
N ARG B 335 -26.17 16.66 32.47
CA ARG B 335 -27.05 16.75 33.63
C ARG B 335 -27.77 18.09 33.60
N VAL B 336 -27.09 19.10 33.09
CA VAL B 336 -27.66 20.43 33.00
C VAL B 336 -28.41 20.63 31.68
N GLY B 337 -27.90 20.05 30.60
CA GLY B 337 -28.55 20.17 29.29
C GLY B 337 -27.66 20.70 28.18
N PHE B 338 -27.99 20.37 26.93
CA PHE B 338 -27.18 20.79 25.78
C PHE B 338 -27.41 22.23 25.33
N TYR B 339 -26.42 22.77 24.63
CA TYR B 339 -26.46 24.13 24.10
C TYR B 339 -27.52 24.23 23.02
N ARG B 340 -27.56 23.24 22.15
CA ARG B 340 -28.53 23.16 21.06
C ARG B 340 -29.07 21.75 21.11
N ALA B 341 -30.39 21.60 20.94
CA ALA B 341 -31.00 20.27 20.97
C ALA B 341 -31.75 19.97 19.69
N GLN B 342 -32.15 18.72 19.55
CA GLN B 342 -32.92 18.26 18.40
C GLN B 342 -33.43 16.87 18.75
N GLU B 343 -34.43 16.41 18.01
CA GLU B 343 -34.99 15.09 18.23
C GLU B 343 -33.92 14.13 17.68
N THR B 344 -33.40 13.28 18.54
CA THR B 344 -32.35 12.38 18.11
C THR B 344 -32.71 10.90 18.17
N ALA B 345 -32.09 10.16 17.26
CA ALA B 345 -32.24 8.71 17.15
C ALA B 345 -30.81 8.15 17.18
N LEU B 346 -30.52 7.30 18.16
CA LEU B 346 -29.19 6.72 18.31
C LEU B 346 -29.30 5.21 18.48
N ALA B 347 -28.70 4.46 17.56
CA ALA B 347 -28.72 3.01 17.65
C ALA B 347 -27.43 2.46 18.27
N LEU B 348 -27.50 1.29 18.88
CA LEU B 348 -26.33 0.70 19.49
C LEU B 348 -25.96 -0.60 18.76
N LEU B 349 -24.67 -0.86 18.61
CA LEU B 349 -24.22 -2.07 17.96
C LEU B 349 -23.36 -2.75 18.98
N ARG B 350 -23.75 -3.97 19.32
CA ARG B 350 -23.01 -4.68 20.31
C ARG B 350 -22.20 -5.84 19.72
N LEU B 351 -20.91 -5.82 19.95
CA LEU B 351 -20.01 -6.86 19.47
C LEU B 351 -19.50 -7.70 20.64
N ASP B 352 -20.38 -7.93 21.62
CA ASP B 352 -20.03 -8.70 22.83
C ASP B 352 -21.22 -9.60 23.25
N GLY B 353 -22.20 -9.00 23.93
CA GLY B 353 -23.38 -9.70 24.38
C GLY B 353 -24.66 -9.02 23.88
N ALA B 354 -25.58 -8.69 24.78
CA ALA B 354 -26.85 -8.07 24.42
C ALA B 354 -26.69 -6.88 23.47
N GLY B 356 -29.55 -5.07 24.18
CA GLY B 356 -29.93 -3.94 25.02
C GLY B 356 -28.78 -3.12 25.56
N TRP B 357 -29.11 -1.89 25.97
CA TRP B 357 -28.13 -0.94 26.52
C TRP B 357 -27.81 -1.08 28.00
N PRO B 358 -26.54 -0.89 28.39
CA PRO B 358 -26.24 -0.98 29.81
C PRO B 358 -27.11 0.12 30.46
N GLU B 359 -27.56 -0.12 31.69
CA GLU B 359 -28.44 0.80 32.39
C GLU B 359 -27.94 2.24 32.60
N PHE B 360 -26.70 2.40 33.09
CA PHE B 360 -26.20 3.74 33.32
C PHE B 360 -26.03 4.56 32.05
N LEU B 361 -25.96 3.89 30.90
CA LEU B 361 -25.83 4.60 29.63
C LEU B 361 -27.19 5.08 29.17
N ARG B 362 -28.19 4.21 29.33
CA ARG B 362 -29.56 4.53 28.97
C ARG B 362 -30.09 5.61 29.85
N ARG B 363 -29.60 5.57 31.07
CA ARG B 363 -30.05 6.50 32.07
C ARG B 363 -29.57 7.90 31.77
N ALA B 364 -28.25 8.06 31.71
CA ALA B 364 -27.67 9.37 31.45
C ALA B 364 -28.27 10.02 30.21
N LEU B 365 -28.36 9.26 29.14
CA LEU B 365 -28.90 9.76 27.89
C LEU B 365 -30.33 10.24 28.07
N LEU B 366 -31.06 9.54 28.92
CA LEU B 366 -32.45 9.91 29.19
C LEU B 366 -32.43 11.16 30.06
N ARG B 367 -31.55 11.13 31.05
CA ARG B 367 -31.41 12.26 31.96
C ARG B 367 -31.05 13.49 31.15
N ALA B 368 -29.94 13.40 30.40
CA ALA B 368 -29.45 14.52 29.58
C ALA B 368 -30.47 15.05 28.58
N PHE B 369 -31.23 14.16 27.96
CA PHE B 369 -32.23 14.62 27.01
C PHE B 369 -33.46 15.17 27.72
N GLY B 370 -33.73 14.63 28.90
CA GLY B 370 -34.86 15.13 29.64
C GLY B 370 -34.51 16.55 29.99
N ALA B 371 -33.31 16.73 30.52
CA ALA B 371 -32.83 18.05 30.92
C ALA B 371 -32.77 19.04 29.77
N SER B 372 -32.99 18.57 28.55
CA SER B 372 -32.91 19.47 27.41
C SER B 372 -34.24 19.56 26.69
N GLY B 373 -35.23 18.89 27.24
CA GLY B 373 -36.56 18.88 26.65
C GLY B 373 -36.54 18.41 25.21
N ALA B 374 -35.58 17.55 24.87
CA ALA B 374 -35.51 17.04 23.51
C ALA B 374 -35.95 15.59 23.53
N SER B 375 -36.52 15.12 22.44
CA SER B 375 -36.98 13.74 22.39
C SER B 375 -35.83 12.82 21.96
N LEU B 376 -35.73 11.67 22.62
CA LEU B 376 -34.69 10.72 22.34
C LEU B 376 -35.17 9.27 22.10
N ARG B 377 -34.76 8.70 20.97
CA ARG B 377 -35.11 7.32 20.62
C ARG B 377 -33.84 6.47 20.73
N LEU B 378 -33.99 5.25 21.25
CA LEU B 378 -32.85 4.35 21.40
C LEU B 378 -33.08 2.98 20.73
N HIS B 379 -32.43 2.79 19.58
CA HIS B 379 -32.54 1.56 18.83
C HIS B 379 -31.39 0.66 19.22
N THR B 380 -31.43 -0.57 18.74
CA THR B 380 -30.37 -1.52 19.01
C THR B 380 -30.11 -2.25 17.71
N LEU B 381 -28.84 -2.45 17.38
CA LEU B 381 -28.46 -3.11 16.13
C LEU B 381 -28.59 -4.61 16.05
N HIS B 382 -29.50 -4.97 15.16
CA HIS B 382 -29.90 -6.33 14.83
C HIS B 382 -28.90 -7.19 14.05
N ALA B 383 -27.67 -6.72 13.88
CA ALA B 383 -26.71 -7.52 13.12
C ALA B 383 -25.26 -7.36 13.52
N HIS B 384 -24.41 -8.24 12.98
CA HIS B 384 -22.99 -8.23 13.26
C HIS B 384 -22.23 -8.35 11.94
N PRO B 385 -21.19 -7.53 11.74
CA PRO B 385 -20.37 -7.53 10.53
C PRO B 385 -20.15 -8.86 9.82
N SER B 386 -20.07 -9.96 10.58
CA SER B 386 -19.79 -11.25 9.97
C SER B 386 -20.91 -11.91 9.19
N GLN B 387 -21.98 -11.19 8.91
CA GLN B 387 -23.02 -11.81 8.14
C GLN B 387 -23.14 -11.22 6.81
N GLY B 388 -22.05 -10.67 6.36
CA GLY B 388 -22.02 -10.09 5.04
C GLY B 388 -23.11 -9.10 4.68
N LEU B 389 -23.84 -9.43 3.63
CA LEU B 389 -24.88 -8.55 3.12
C LEU B 389 -25.88 -8.09 4.16
N ALA B 390 -26.26 -8.99 5.06
CA ALA B 390 -27.23 -8.67 6.09
C ALA B 390 -26.84 -7.40 6.85
N PHE B 391 -25.58 -7.33 7.29
CA PHE B 391 -25.08 -6.18 8.01
C PHE B 391 -25.41 -4.87 7.30
N ARG B 392 -24.85 -4.73 6.10
CA ARG B 392 -25.05 -3.55 5.27
C ARG B 392 -26.55 -3.26 5.26
N GLU B 393 -27.33 -4.32 5.10
CA GLU B 393 -28.78 -4.26 5.06
C GLU B 393 -29.32 -3.61 6.32
N ALA B 394 -28.94 -4.18 7.47
CA ALA B 394 -29.36 -3.70 8.76
C ALA B 394 -29.05 -2.19 8.90
N LEU B 395 -27.82 -1.79 8.59
CA LEU B 395 -27.42 -0.39 8.67
C LEU B 395 -28.35 0.52 7.85
N ARG B 396 -28.71 0.10 6.65
CA ARG B 396 -29.57 0.90 5.79
C ARG B 396 -30.97 1.04 6.37
N LYS B 397 -31.45 -0.04 6.95
CA LYS B 397 -32.77 -0.03 7.56
C LYS B 397 -32.72 0.99 8.70
N ALA B 398 -31.75 0.79 9.60
CA ALA B 398 -31.55 1.66 10.76
C ALA B 398 -31.36 3.12 10.34
N LYS B 399 -30.62 3.34 9.25
CA LYS B 399 -30.40 4.69 8.76
C LYS B 399 -31.75 5.24 8.31
N GLU B 400 -32.57 4.36 7.72
CA GLU B 400 -33.90 4.72 7.24
C GLU B 400 -34.83 5.10 8.40
N GLU B 401 -34.77 4.34 9.48
CA GLU B 401 -35.60 4.55 10.67
C GLU B 401 -35.23 5.77 11.49
N GLY B 402 -34.36 6.63 10.94
CA GLY B 402 -33.97 7.82 11.66
C GLY B 402 -32.68 7.76 12.47
N VAL B 403 -32.03 6.59 12.56
CA VAL B 403 -30.78 6.50 13.33
C VAL B 403 -29.77 7.51 12.80
N GLN B 404 -29.24 8.33 13.70
CA GLN B 404 -28.34 9.40 13.31
C GLN B 404 -26.89 9.18 13.70
N ALA B 405 -26.65 8.13 14.46
CA ALA B 405 -25.29 7.83 14.86
C ALA B 405 -25.30 6.50 15.62
N VAL B 406 -24.16 5.84 15.65
CA VAL B 406 -24.11 4.56 16.30
C VAL B 406 -23.05 4.44 17.38
N LEU B 407 -23.44 3.83 18.48
CA LEU B 407 -22.56 3.61 19.60
C LEU B 407 -22.07 2.19 19.41
N VAL B 408 -20.81 1.94 19.67
CA VAL B 408 -20.31 0.59 19.47
C VAL B 408 -19.58 0.03 20.68
N LEU B 409 -20.24 -0.87 21.41
CA LEU B 409 -19.61 -1.51 22.56
C LEU B 409 -18.87 -2.69 21.98
N THR B 410 -17.58 -2.79 22.27
CA THR B 410 -16.84 -3.87 21.67
C THR B 410 -15.51 -4.21 22.32
N PRO B 411 -15.16 -5.51 22.32
CA PRO B 411 -13.89 -5.89 22.91
C PRO B 411 -12.84 -5.07 22.14
N PRO B 412 -11.64 -4.88 22.72
CA PRO B 412 -10.59 -4.10 22.06
C PRO B 412 -10.18 -4.61 20.68
N MET B 413 -10.51 -3.83 19.66
CA MET B 413 -10.19 -4.19 18.29
C MET B 413 -8.96 -3.43 17.78
N ALA B 414 -8.23 -4.07 16.87
CA ALA B 414 -7.04 -3.47 16.29
C ALA B 414 -7.45 -2.21 15.53
N TRP B 415 -6.56 -1.23 15.51
CA TRP B 415 -6.79 0.04 14.83
C TRP B 415 -7.37 -0.21 13.43
N GLU B 416 -6.75 -1.12 12.71
CA GLU B 416 -7.17 -1.48 11.38
C GLU B 416 -8.61 -1.97 11.33
N ASP B 417 -8.99 -2.77 12.33
CA ASP B 417 -10.34 -3.30 12.34
C ASP B 417 -11.41 -2.27 12.58
N ARG B 418 -11.18 -1.33 13.49
CA ARG B 418 -12.19 -0.32 13.74
C ARG B 418 -12.35 0.60 12.55
N ASN B 419 -11.25 1.13 12.04
CA ASN B 419 -11.34 2.02 10.88
C ASN B 419 -12.27 1.35 9.87
N ARG B 420 -12.05 0.06 9.63
CA ARG B 420 -12.87 -0.69 8.70
C ARG B 420 -14.35 -0.65 9.02
N LEU B 421 -14.69 -0.91 10.29
CA LEU B 421 -16.08 -0.90 10.73
C LEU B 421 -16.73 0.49 10.58
N LYS B 422 -16.00 1.53 10.97
CA LYS B 422 -16.49 2.91 10.87
C LYS B 422 -16.73 3.27 9.41
N ALA B 423 -16.13 2.50 8.51
CA ALA B 423 -16.25 2.72 7.09
C ALA B 423 -17.52 2.02 6.58
N LEU B 424 -17.82 0.83 7.10
CA LEU B 424 -19.03 0.14 6.67
C LEU B 424 -20.19 0.99 7.17
N LEU B 425 -19.98 1.64 8.31
CA LEU B 425 -21.03 2.49 8.87
C LEU B 425 -21.11 3.78 8.07
N LEU B 426 -19.96 4.39 7.81
CA LEU B 426 -19.90 5.65 7.08
C LEU B 426 -20.50 5.67 5.69
N ARG B 427 -20.57 4.49 5.09
CA ARG B 427 -21.07 4.24 3.75
C ARG B 427 -22.57 4.11 3.76
N GLU B 428 -23.11 4.01 4.94
CA GLU B 428 -24.52 3.88 5.09
C GLU B 428 -24.83 5.16 5.81
N GLY B 429 -23.92 6.12 5.62
CA GLY B 429 -24.06 7.42 6.25
C GLY B 429 -24.30 7.35 7.74
N LEU B 430 -23.47 6.61 8.47
CA LEU B 430 -23.66 6.48 9.91
C LEU B 430 -22.45 6.81 10.74
N PRO B 431 -22.41 8.01 11.34
CA PRO B 431 -21.28 8.43 12.18
C PRO B 431 -21.23 7.45 13.34
N SER B 432 -20.10 7.28 14.00
CA SER B 432 -20.06 6.35 15.09
C SER B 432 -19.05 6.66 16.17
N GLN B 433 -19.24 6.08 17.35
CA GLN B 433 -18.34 6.26 18.49
C GLN B 433 -18.02 4.85 18.98
N ILE B 434 -16.75 4.57 19.26
CA ILE B 434 -16.40 3.23 19.71
C ILE B 434 -16.04 3.18 21.20
N LEU B 435 -16.91 2.55 21.98
CA LEU B 435 -16.71 2.39 23.43
C LEU B 435 -16.29 0.96 23.70
N ASN B 436 -15.04 0.74 24.09
CA ASN B 436 -14.59 -0.63 24.37
C ASN B 436 -15.40 -1.30 25.50
N VAL B 437 -16.00 -2.43 25.16
CA VAL B 437 -16.92 -3.18 26.04
C VAL B 437 -16.58 -3.61 27.46
N PRO B 438 -15.32 -3.96 27.77
CA PRO B 438 -15.12 -4.33 29.18
C PRO B 438 -15.34 -3.01 29.95
N LEU B 439 -16.57 -2.54 29.84
CA LEU B 439 -17.04 -1.28 30.38
C LEU B 439 -16.78 -1.02 31.82
N ARG B 440 -15.92 -0.05 32.10
CA ARG B 440 -15.78 0.24 33.47
C ARG B 440 -16.50 1.45 33.92
N GLU B 441 -17.68 1.14 34.39
CA GLU B 441 -18.55 2.11 34.96
C GLU B 441 -17.78 3.14 35.77
N GLU B 442 -17.28 2.72 36.93
CA GLU B 442 -16.52 3.61 37.82
C GLU B 442 -15.61 4.55 37.04
N GLU B 443 -15.39 4.25 35.76
CA GLU B 443 -14.56 5.08 34.89
C GLU B 443 -15.45 6.05 34.07
N ARG B 444 -16.11 6.97 34.77
CA ARG B 444 -16.99 7.96 34.13
C ARG B 444 -16.24 8.74 33.08
N HIS B 445 -15.02 9.11 33.41
CA HIS B 445 -14.17 9.86 32.49
C HIS B 445 -14.43 9.27 31.11
N ARG B 446 -14.28 7.95 31.00
CA ARG B 446 -14.46 7.26 29.73
C ARG B 446 -15.84 7.36 29.09
N TRP B 447 -16.83 6.69 29.67
CA TRP B 447 -18.14 6.70 29.06
C TRP B 447 -18.85 8.05 28.97
N GLU B 448 -18.55 8.98 29.86
CA GLU B 448 -19.20 10.29 29.75
C GLU B 448 -18.67 10.94 28.47
N ASN B 449 -17.41 10.66 28.15
CA ASN B 449 -16.80 11.20 26.96
C ASN B 449 -17.33 10.49 25.72
N ALA B 450 -17.37 9.17 25.75
CA ALA B 450 -17.90 8.39 24.63
C ALA B 450 -19.26 8.93 24.16
N LEU B 451 -20.09 9.32 25.11
CA LEU B 451 -21.42 9.85 24.83
C LEU B 451 -21.37 11.24 24.23
N LEU B 452 -20.45 12.08 24.72
CA LEU B 452 -20.35 13.42 24.18
C LEU B 452 -20.04 13.32 22.67
N GLY B 453 -19.11 12.42 22.34
CA GLY B 453 -18.72 12.21 20.96
C GLY B 453 -19.90 11.75 20.13
N LEU B 454 -20.57 10.71 20.61
CA LEU B 454 -21.72 10.17 19.95
C LEU B 454 -22.72 11.28 19.68
N LEU B 455 -22.94 12.11 20.69
CA LEU B 455 -23.89 13.22 20.54
C LEU B 455 -23.41 14.28 19.56
N ALA B 456 -22.12 14.60 19.62
CA ALA B 456 -21.53 15.58 18.71
C ALA B 456 -21.64 15.07 17.27
N LYS B 457 -21.37 13.77 17.09
CA LYS B 457 -21.44 13.17 15.78
C LYS B 457 -22.87 13.03 15.28
N ALA B 458 -23.83 12.92 16.20
CA ALA B 458 -25.21 12.82 15.79
C ALA B 458 -25.69 14.18 15.34
N GLY B 459 -24.93 15.22 15.66
CA GLY B 459 -25.31 16.56 15.24
C GLY B 459 -25.73 17.51 16.36
N LEU B 460 -25.64 17.03 17.60
CA LEU B 460 -26.00 17.84 18.74
C LEU B 460 -24.84 18.74 19.14
N GLN B 461 -25.17 19.98 19.46
CA GLN B 461 -24.18 20.94 19.91
C GLN B 461 -24.28 20.82 21.42
N VAL B 462 -23.51 19.92 22.01
CA VAL B 462 -23.54 19.74 23.47
C VAL B 462 -23.14 21.03 24.19
N VAL B 463 -21.93 21.51 23.93
CA VAL B 463 -21.45 22.74 24.54
C VAL B 463 -20.92 23.74 23.50
N ALA B 464 -21.09 25.04 23.79
CA ALA B 464 -20.63 26.11 22.92
C ALA B 464 -19.42 26.75 23.57
N LEU B 465 -18.38 26.99 22.79
CA LEU B 465 -17.15 27.58 23.28
C LEU B 465 -17.07 29.04 22.82
N SER B 466 -17.11 29.97 23.78
CA SER B 466 -17.01 31.40 23.48
C SER B 466 -15.60 31.60 22.95
N GLY B 467 -15.48 32.09 21.73
CA GLY B 467 -14.13 32.21 21.21
C GLY B 467 -13.57 33.47 20.59
N ALA B 468 -12.26 33.38 20.36
CA ALA B 468 -11.45 34.43 19.76
C ALA B 468 -10.21 33.75 19.17
N TYR B 469 -10.41 32.89 18.17
CA TYR B 469 -9.28 32.19 17.55
C TYR B 469 -9.20 32.24 16.03
N PRO B 470 -7.98 32.15 15.48
CA PRO B 470 -7.68 32.18 14.05
C PRO B 470 -8.19 31.03 13.18
N ALA B 471 -8.30 29.83 13.74
CA ALA B 471 -8.78 28.69 12.94
C ALA B 471 -10.27 28.39 13.06
N GLU B 472 -10.96 28.39 11.92
CA GLU B 472 -12.37 28.07 11.93
C GLU B 472 -12.46 26.56 11.78
N LEU B 473 -11.33 25.93 11.45
CA LEU B 473 -11.30 24.50 11.24
C LEU B 473 -10.03 23.85 11.75
N ALA B 474 -10.16 23.00 12.77
CA ALA B 474 -9.02 22.30 13.33
C ALA B 474 -9.16 20.79 13.07
N VAL B 475 -8.29 20.25 12.23
CA VAL B 475 -8.35 18.84 11.92
C VAL B 475 -7.13 18.18 12.45
N GLY B 476 -7.31 17.04 13.10
CA GLY B 476 -6.20 16.30 13.66
C GLY B 476 -6.05 14.99 12.91
N PHE B 477 -4.82 14.67 12.51
CA PHE B 477 -4.60 13.45 11.77
C PHE B 477 -4.11 12.30 12.63
N ASP B 478 -4.47 11.09 12.22
CA ASP B 478 -4.16 9.87 12.96
C ASP B 478 -3.54 8.79 12.05
N ALA B 479 -2.46 8.17 12.51
CA ALA B 479 -1.80 7.14 11.73
C ALA B 479 -1.74 5.91 12.61
N GLY B 480 -2.53 5.91 13.66
CA GLY B 480 -2.51 4.81 14.59
C GLY B 480 -1.35 5.09 15.51
N GLY B 481 -0.22 4.45 15.26
CA GLY B 481 0.93 4.67 16.10
C GLY B 481 2.18 4.57 15.26
N ARG B 482 1.95 4.44 13.95
CA ARG B 482 3.06 4.31 13.02
C ARG B 482 3.73 5.64 12.80
N GLU B 483 4.96 5.59 12.30
CA GLU B 483 5.72 6.79 12.05
C GLU B 483 5.39 7.28 10.64
N SER B 484 4.33 6.75 10.05
CA SER B 484 3.96 7.14 8.68
C SER B 484 2.50 6.88 8.26
N PHE B 485 2.05 7.62 7.25
CA PHE B 485 0.70 7.48 6.71
C PHE B 485 0.68 6.53 5.52
N ARG B 486 1.71 5.69 5.40
CA ARG B 486 1.80 4.74 4.29
C ARG B 486 0.59 3.81 4.22
N PHE B 487 0.24 3.23 5.37
CA PHE B 487 -0.87 2.29 5.45
C PHE B 487 -2.19 2.99 5.72
N GLY B 488 -2.52 4.00 4.92
CA GLY B 488 -3.74 4.75 5.14
C GLY B 488 -3.65 5.50 6.46
N GLY B 489 -4.71 6.21 6.82
CA GLY B 489 -4.72 6.94 8.08
C GLY B 489 -6.15 7.35 8.41
N ALA B 490 -6.32 8.30 9.32
CA ALA B 490 -7.66 8.75 9.67
C ALA B 490 -7.61 10.17 10.22
N ALA B 491 -8.69 10.92 10.04
CA ALA B 491 -8.74 12.29 10.53
C ALA B 491 -10.03 12.70 11.27
N CYS B 492 -9.89 13.45 12.36
CA CYS B 492 -11.07 13.93 13.07
C CYS B 492 -11.00 15.45 12.97
N ALA B 493 -12.14 16.14 12.95
CA ALA B 493 -12.12 17.59 12.81
C ALA B 493 -13.36 18.34 13.34
N VAL B 494 -13.12 19.43 14.07
CA VAL B 494 -14.19 20.25 14.63
C VAL B 494 -14.28 21.63 13.98
N GLY B 495 -15.51 22.13 13.82
CA GLY B 495 -15.74 23.41 13.17
C GLY B 495 -15.51 24.70 13.94
N GLY B 496 -14.60 24.67 14.92
CA GLY B 496 -14.24 25.86 15.71
C GLY B 496 -14.72 26.05 17.16
N ASP B 497 -16.01 26.35 17.31
CA ASP B 497 -16.64 26.59 18.61
C ASP B 497 -17.51 25.39 18.99
N GLY B 498 -18.07 24.74 17.99
CA GLY B 498 -18.92 23.59 18.23
C GLY B 498 -19.51 23.02 16.95
N GLY B 499 -18.75 22.16 16.28
CA GLY B 499 -19.23 21.58 15.04
C GLY B 499 -18.37 20.40 14.68
N HIS B 500 -18.50 19.32 15.44
CA HIS B 500 -17.76 18.12 15.15
C HIS B 500 -18.12 17.63 13.81
N LEU B 501 -17.09 17.50 12.99
CA LEU B 501 -17.32 17.09 11.64
C LEU B 501 -17.23 15.62 11.37
N LEU B 502 -17.60 15.33 10.14
CA LEU B 502 -17.64 14.03 9.56
C LEU B 502 -16.24 13.39 9.52
N TRP B 503 -15.76 12.86 10.64
CA TRP B 503 -14.42 12.31 10.62
C TRP B 503 -14.14 11.11 9.70
N THR B 504 -13.14 11.32 8.83
CA THR B 504 -12.74 10.38 7.79
C THR B 504 -11.55 9.46 7.94
N LEU B 505 -11.32 8.75 6.84
CA LEU B 505 -10.21 7.81 6.70
C LEU B 505 -9.91 7.51 5.23
N PRO B 506 -8.64 7.16 4.90
CA PRO B 506 -8.22 6.85 3.54
C PRO B 506 -7.13 5.77 3.59
N ARG B 513 -2.26 3.97 0.07
CA ARG B 513 -1.34 4.46 -0.99
C ARG B 513 -0.15 5.29 -0.48
N ILE B 514 0.34 6.19 -1.32
CA ILE B 514 1.46 7.06 -0.94
C ILE B 514 1.10 8.00 0.21
N PRO B 515 1.97 8.11 1.22
CA PRO B 515 1.75 8.98 2.40
C PRO B 515 1.28 10.40 2.12
N GLN B 516 1.94 11.12 1.23
CA GLN B 516 1.48 12.46 0.95
C GLN B 516 0.05 12.46 0.42
N GLU B 517 -0.23 11.56 -0.52
CA GLU B 517 -1.55 11.50 -1.11
C GLU B 517 -2.59 11.10 -0.07
N VAL B 518 -2.16 10.37 0.96
CA VAL B 518 -3.08 9.98 2.02
C VAL B 518 -3.47 11.22 2.83
N VAL B 519 -2.50 11.83 3.49
CA VAL B 519 -2.72 13.05 4.28
C VAL B 519 -3.65 14.03 3.55
N TRP B 520 -3.44 14.21 2.25
CA TRP B 520 -4.27 15.15 1.48
C TRP B 520 -5.75 14.74 1.35
N ASP B 521 -6.05 13.47 1.08
CA ASP B 521 -7.45 13.11 0.99
C ASP B 521 -8.13 13.38 2.32
N LEU B 522 -7.51 12.92 3.41
CA LEU B 522 -8.06 13.17 4.72
C LEU B 522 -8.51 14.63 4.81
N LEU B 523 -7.56 15.54 4.61
CA LEU B 523 -7.85 16.97 4.68
C LEU B 523 -8.78 17.45 3.58
N GLU B 524 -8.80 16.76 2.44
CA GLU B 524 -9.67 17.16 1.34
C GLU B 524 -11.13 16.91 1.71
N GLU B 525 -11.40 15.73 2.24
CA GLU B 525 -12.74 15.39 2.66
C GLU B 525 -13.21 16.34 3.76
N THR B 526 -12.46 16.39 4.86
CA THR B 526 -12.83 17.24 5.98
C THR B 526 -13.10 18.66 5.50
N LEU B 527 -12.25 19.17 4.64
CA LEU B 527 -12.43 20.50 4.10
C LEU B 527 -13.78 20.54 3.41
N TRP B 528 -14.07 19.44 2.71
CA TRP B 528 -15.31 19.33 1.97
C TRP B 528 -16.52 19.21 2.87
N ALA B 529 -16.36 18.61 4.05
CA ALA B 529 -17.49 18.46 4.94
C ALA B 529 -17.86 19.82 5.46
N PHE B 530 -16.89 20.55 5.61
CA PHE B 530 -17.05 21.88 6.19
C PHE B 530 -17.62 22.86 5.16
N ARG B 531 -17.45 22.67 3.88
CA ARG B 531 -17.98 23.58 2.88
C ARG B 531 -19.44 23.16 2.76
N ARG B 532 -19.72 21.96 3.26
CA ARG B 532 -21.08 21.43 3.25
C ARG B 532 -21.84 22.12 4.38
N LYS B 533 -21.27 22.12 5.59
CA LYS B 533 -21.94 22.74 6.73
C LYS B 533 -21.96 24.26 6.68
N ALA B 534 -20.80 24.89 6.46
CA ALA B 534 -20.71 26.34 6.44
C ALA B 534 -21.01 26.99 5.09
N GLY B 535 -21.27 26.17 4.08
CA GLY B 535 -21.54 26.71 2.76
C GLY B 535 -20.46 27.73 2.43
N ARG B 536 -19.22 27.35 2.71
CA ARG B 536 -18.08 28.20 2.45
C ARG B 536 -16.81 27.53 2.94
N LEU B 537 -15.71 27.78 2.24
CA LEU B 537 -14.42 27.21 2.59
C LEU B 537 -13.90 27.99 3.77
N PRO B 538 -13.17 27.31 4.66
CA PRO B 538 -12.60 27.96 5.85
C PRO B 538 -11.49 28.93 5.44
N SER B 539 -11.43 30.07 6.10
CA SER B 539 -10.39 31.03 5.78
C SER B 539 -9.02 30.51 6.25
N ARG B 540 -9.04 29.83 7.40
CA ARG B 540 -7.85 29.29 8.00
C ARG B 540 -8.08 27.92 8.62
N VAL B 541 -7.04 27.09 8.63
CA VAL B 541 -7.15 25.76 9.17
C VAL B 541 -5.99 25.47 10.14
N LEU B 542 -6.24 24.67 11.15
CA LEU B 542 -5.22 24.32 12.13
C LEU B 542 -5.05 22.84 11.97
N LEU B 543 -3.82 22.40 11.75
CA LEU B 543 -3.56 21.00 11.55
C LEU B 543 -2.74 20.52 12.73
N LEU B 544 -3.17 19.42 13.34
CA LEU B 544 -2.48 18.85 14.46
C LEU B 544 -2.09 17.45 14.06
N ARG B 545 -0.85 17.09 14.38
CA ARG B 545 -0.35 15.77 14.02
C ARG B 545 0.67 15.34 15.04
N ASP B 546 1.02 14.07 15.01
CA ASP B 546 2.03 13.54 15.91
C ASP B 546 3.42 13.74 15.27
N GLY B 547 4.37 14.21 16.06
CA GLY B 547 5.71 14.43 15.56
C GLY B 547 6.42 13.19 15.07
N ARG B 548 5.94 12.02 15.47
CA ARG B 548 6.53 10.76 15.05
C ARG B 548 6.46 10.60 13.54
N VAL B 549 5.61 11.37 12.88
CA VAL B 549 5.48 11.29 11.45
C VAL B 549 6.20 12.46 10.81
N PRO B 550 7.13 12.16 9.90
CA PRO B 550 7.91 13.18 9.19
C PRO B 550 7.02 14.29 8.69
N GLN B 551 7.41 15.53 8.98
CA GLN B 551 6.67 16.70 8.55
C GLN B 551 6.47 16.78 7.04
N ASP B 552 7.29 16.07 6.28
CA ASP B 552 7.19 16.16 4.82
C ASP B 552 5.92 15.50 4.26
N GLU B 553 5.39 14.50 4.96
CA GLU B 553 4.19 13.86 4.46
C GLU B 553 3.01 14.84 4.29
N PHE B 554 3.15 16.07 4.80
CA PHE B 554 2.08 17.07 4.68
C PHE B 554 2.32 18.03 3.52
N ALA B 555 3.48 17.89 2.88
CA ALA B 555 3.85 18.77 1.77
C ALA B 555 2.74 19.01 0.74
N LEU B 556 2.10 17.92 0.30
CA LEU B 556 1.07 18.03 -0.71
C LEU B 556 -0.19 18.72 -0.20
N ALA B 557 -0.60 18.38 1.01
CA ALA B 557 -1.78 18.98 1.60
C ALA B 557 -1.59 20.49 1.70
N LEU B 558 -0.42 20.91 2.16
CA LEU B 558 -0.13 22.34 2.27
C LEU B 558 -0.11 23.03 0.91
N GLU B 559 0.45 22.36 -0.08
CA GLU B 559 0.54 22.92 -1.42
C GLU B 559 -0.88 23.07 -1.95
N ALA B 560 -1.73 22.13 -1.58
CA ALA B 560 -3.12 22.13 -1.99
C ALA B 560 -3.86 23.25 -1.29
N LEU B 561 -3.64 23.40 0.01
CA LEU B 561 -4.30 24.47 0.73
C LEU B 561 -3.95 25.80 0.06
N ALA B 562 -2.70 25.95 -0.35
CA ALA B 562 -2.25 27.20 -0.98
C ALA B 562 -2.97 27.53 -2.30
N ARG B 563 -3.18 26.53 -3.15
CA ARG B 563 -3.86 26.78 -4.41
C ARG B 563 -5.27 27.32 -4.16
N GLU B 564 -5.85 27.00 -3.00
CA GLU B 564 -7.19 27.44 -2.61
C GLU B 564 -7.18 28.79 -1.91
N GLY B 565 -6.03 29.16 -1.36
CA GLY B 565 -5.93 30.43 -0.68
C GLY B 565 -6.25 30.26 0.79
N ILE B 566 -6.41 29.02 1.21
CA ILE B 566 -6.70 28.66 2.59
C ILE B 566 -5.44 28.77 3.46
N ALA B 567 -5.37 29.81 4.30
CA ALA B 567 -4.24 29.98 5.22
C ALA B 567 -4.19 28.78 6.17
N TYR B 568 -3.03 28.55 6.79
CA TYR B 568 -2.90 27.42 7.72
C TYR B 568 -1.75 27.53 8.72
N ASP B 569 -1.77 26.66 9.73
CA ASP B 569 -0.72 26.60 10.71
C ASP B 569 -0.53 25.10 10.91
N LEU B 570 0.71 24.64 10.81
CA LEU B 570 0.99 23.23 11.00
C LEU B 570 1.65 23.08 12.37
N VAL B 571 1.04 22.26 13.23
CA VAL B 571 1.58 22.08 14.57
C VAL B 571 1.83 20.62 14.89
N SER B 572 3.05 20.32 15.32
CA SER B 572 3.44 18.96 15.70
C SER B 572 3.11 18.83 17.17
N VAL B 573 2.70 17.63 17.56
CA VAL B 573 2.35 17.35 18.93
C VAL B 573 3.19 16.18 19.41
N ARG B 574 3.35 16.07 20.72
CA ARG B 574 4.13 15.00 21.31
C ARG B 574 3.85 15.05 22.81
N LYS B 575 3.18 14.00 23.31
CA LYS B 575 2.84 13.92 24.72
C LYS B 575 4.06 13.78 25.63
N SER B 576 4.65 12.59 25.66
CA SER B 576 5.82 12.36 26.50
C SER B 576 7.04 12.97 25.85
N GLY B 577 7.95 13.48 26.67
CA GLY B 577 9.16 14.10 26.13
C GLY B 577 9.13 15.59 26.31
N GLY B 578 8.08 16.10 26.93
CA GLY B 578 7.98 17.53 27.16
C GLY B 578 8.96 17.98 28.22
N GLY B 579 9.20 17.13 29.22
CA GLY B 579 10.11 17.44 30.30
C GLY B 579 9.30 17.61 31.57
N ARG B 580 9.53 18.69 32.31
CA ARG B 580 8.77 18.95 33.54
C ARG B 580 8.71 20.43 33.88
N VAL B 581 7.63 20.80 34.57
CA VAL B 581 7.43 22.18 34.99
C VAL B 581 7.10 22.23 36.46
N TYR B 582 7.86 23.02 37.21
CA TYR B 582 7.66 23.20 38.65
C TYR B 582 7.52 24.69 38.94
N PRO B 583 6.69 25.05 39.92
CA PRO B 583 6.47 26.45 40.30
C PRO B 583 7.59 26.99 41.16
N VAL B 584 7.81 28.30 41.13
CA VAL B 584 8.87 28.91 41.93
C VAL B 584 8.59 28.67 43.42
N GLN B 585 7.43 29.12 43.89
CA GLN B 585 7.06 28.92 45.30
C GLN B 585 5.57 28.67 45.54
N GLY B 586 4.70 29.27 44.74
CA GLY B 586 3.27 29.05 44.92
C GLY B 586 2.79 27.71 44.41
N ARG B 587 1.82 27.73 43.50
CA ARG B 587 1.30 26.52 42.88
C ARG B 587 0.91 26.86 41.43
N LEU B 588 1.01 25.89 40.52
CA LEU B 588 0.70 26.11 39.09
C LEU B 588 -0.79 26.21 38.72
N ALA B 589 -1.10 27.19 37.88
CA ALA B 589 -2.47 27.43 37.42
C ALA B 589 -3.01 26.33 36.52
N ASP B 590 -4.31 26.42 36.25
CA ASP B 590 -5.01 25.43 35.44
C ASP B 590 -4.45 25.22 34.04
N GLY B 591 -4.21 26.32 33.32
CA GLY B 591 -3.68 26.22 31.97
C GLY B 591 -2.50 27.14 31.80
N LEU B 592 -1.35 26.58 31.45
CA LEU B 592 -0.15 27.39 31.27
C LEU B 592 0.47 27.23 29.91
N TYR B 593 1.15 28.29 29.49
CA TYR B 593 1.82 28.39 28.19
C TYR B 593 3.30 28.73 28.36
N VAL B 594 4.20 27.76 28.20
CA VAL B 594 5.63 28.04 28.34
C VAL B 594 6.42 28.09 27.03
N PRO B 595 6.80 29.30 26.58
CA PRO B 595 7.57 29.41 25.34
C PRO B 595 8.96 28.79 25.47
N LEU B 596 9.51 28.33 24.35
CA LEU B 596 10.83 27.71 24.38
C LEU B 596 11.72 28.14 23.23
N GLU B 597 12.61 27.24 22.83
CA GLU B 597 13.55 27.52 21.76
C GLU B 597 12.96 27.46 20.36
N ASP B 598 12.74 28.64 19.79
CA ASP B 598 12.24 28.81 18.42
C ASP B 598 10.96 28.09 17.98
N LYS B 599 9.85 28.79 18.09
CA LYS B 599 8.56 28.27 17.67
C LYS B 599 8.16 26.97 18.37
N THR B 600 8.76 26.70 19.51
CA THR B 600 8.41 25.51 20.28
C THR B 600 7.93 25.99 21.62
N PHE B 601 6.96 25.30 22.18
CA PHE B 601 6.43 25.72 23.47
C PHE B 601 5.73 24.58 24.19
N LEU B 602 5.66 24.70 25.50
CA LEU B 602 5.00 23.70 26.30
C LEU B 602 3.58 24.17 26.60
N LEU B 603 2.71 23.21 26.87
CA LEU B 603 1.32 23.47 27.23
C LEU B 603 1.06 22.60 28.45
N LEU B 604 0.61 23.23 29.53
CA LEU B 604 0.35 22.50 30.76
C LEU B 604 -1.06 22.72 31.27
N THR B 605 -1.75 21.64 31.61
CA THR B 605 -3.13 21.74 32.07
C THR B 605 -3.45 20.94 33.36
N VAL B 606 -4.21 21.58 34.25
CA VAL B 606 -4.63 21.06 35.57
C VAL B 606 -3.49 20.92 36.57
N THR B 613 2.85 15.06 40.03
CA THR B 613 3.38 15.94 39.00
C THR B 613 2.68 15.73 37.64
N PRO B 614 2.44 16.83 36.90
CA PRO B 614 1.77 16.73 35.59
C PRO B 614 2.75 16.55 34.43
N ARG B 615 2.20 16.12 33.29
CA ARG B 615 2.97 15.86 32.08
C ARG B 615 2.66 16.95 31.05
N PRO B 616 3.69 17.71 30.63
CA PRO B 616 3.41 18.76 29.65
C PRO B 616 3.26 18.20 28.24
N LEU B 617 2.71 19.01 27.34
CA LEU B 617 2.56 18.64 25.94
C LEU B 617 3.55 19.51 25.19
N LYS B 618 4.51 18.91 24.49
CA LYS B 618 5.45 19.73 23.73
C LYS B 618 4.85 19.95 22.35
N LEU B 619 4.85 21.19 21.88
CA LEU B 619 4.29 21.53 20.58
C LEU B 619 5.23 22.35 19.73
N VAL B 620 5.16 22.14 18.42
CA VAL B 620 6.02 22.86 17.51
C VAL B 620 5.22 23.43 16.35
N HIS B 621 5.41 24.73 16.13
CA HIS B 621 4.74 25.45 15.06
C HIS B 621 5.65 25.40 13.83
N GLU B 622 5.45 24.38 13.00
CA GLU B 622 6.24 24.13 11.80
C GLU B 622 5.89 24.94 10.58
N ALA B 623 4.68 25.52 10.55
CA ALA B 623 4.28 26.35 9.43
C ALA B 623 3.09 27.24 9.80
N GLY B 624 3.02 28.42 9.17
CA GLY B 624 1.92 29.31 9.49
C GLY B 624 2.45 30.61 10.04
N ASP B 625 1.68 31.65 9.80
CA ASP B 625 1.95 33.03 10.09
C ASP B 625 1.06 33.51 11.27
N THR B 626 0.96 32.67 12.31
CA THR B 626 0.13 32.91 13.50
C THR B 626 0.94 32.89 14.79
N PRO B 627 0.74 33.91 15.63
CA PRO B 627 1.43 34.05 16.90
C PRO B 627 1.29 32.80 17.79
N LEU B 628 2.35 32.45 18.49
CA LEU B 628 2.31 31.27 19.34
C LEU B 628 1.25 31.32 20.44
N GLU B 629 0.97 32.50 20.99
CA GLU B 629 -0.04 32.61 22.04
C GLU B 629 -1.41 32.23 21.46
N ALA B 630 -1.74 32.79 20.30
CA ALA B 630 -3.02 32.51 19.66
C ALA B 630 -3.20 31.01 19.51
N LEU B 631 -2.17 30.38 18.94
CA LEU B 631 -2.14 28.94 18.72
C LEU B 631 -2.30 28.20 20.04
N ALA B 632 -1.51 28.60 21.03
CA ALA B 632 -1.53 27.99 22.35
C ALA B 632 -2.93 28.02 22.95
N HIS B 633 -3.60 29.16 22.81
CA HIS B 633 -4.96 29.33 23.32
C HIS B 633 -5.96 28.43 22.61
N GLN B 634 -5.83 28.32 21.29
CA GLN B 634 -6.75 27.49 20.52
C GLN B 634 -6.57 26.00 20.76
N ILE B 635 -5.34 25.54 20.96
CA ILE B 635 -5.10 24.13 21.20
C ILE B 635 -5.66 23.82 22.59
N PHE B 636 -5.28 24.66 23.56
CA PHE B 636 -5.72 24.53 24.94
C PHE B 636 -7.24 24.45 25.01
N HIS B 637 -7.91 25.39 24.36
CA HIS B 637 -9.36 25.38 24.37
C HIS B 637 -9.90 24.11 23.69
N LEU B 638 -9.18 23.60 22.70
CA LEU B 638 -9.60 22.38 22.03
C LEU B 638 -9.42 21.21 22.99
N THR B 639 -8.50 21.39 23.93
CA THR B 639 -8.20 20.36 24.91
C THR B 639 -9.21 20.39 26.02
N ARG B 640 -9.74 21.57 26.26
CA ARG B 640 -10.70 21.61 27.29
C ARG B 640 -11.96 20.92 27.06
N LEU B 641 -12.33 20.88 25.81
CA LEU B 641 -13.51 20.17 25.51
C LEU B 641 -12.98 19.00 24.76
N TYR B 642 -13.13 17.81 25.35
CA TYR B 642 -12.61 16.60 24.69
C TYR B 642 -13.09 16.42 23.25
#